data_4LH0
#
_entry.id   4LH0
#
_cell.length_a   84.870
_cell.length_b   94.242
_cell.length_c   132.087
_cell.angle_alpha   90.000
_cell.angle_beta   90.000
_cell.angle_gamma   90.000
#
_symmetry.space_group_name_H-M   'P 21 21 21'
#
loop_
_entity.id
_entity.type
_entity.pdbx_description
1 polymer 'Delta-1-pyrroline-5-carboxylate dehydrogenase, mitochondrial'
2 non-polymer 'GLYOXYLIC ACID'
3 non-polymer 'PENTAETHYLENE GLYCOL'
4 water water
#
_entity_poly.entity_id   1
_entity_poly.type   'polypeptide(L)'
_entity_poly.pdbx_seq_one_letter_code
;MGSSHHHHHHSSGLVPRGSHMLRWKHTSSLKVANEPILAFSQGSPERDALQKALKDLKGQTEAIPCVVGDEEVWTSDIQY
QLSPFNHAHKVAKFCYADKALLNRAIDAALAARKEWDLKPMADRAQVFLKAADMLSGPRRAEVLAKTMVGQGKTVIQAEI
DAAAELIDFFRFNAKFAVELEGEQPISVPPSTNHTVYRGLEGFVAAISPFNFTAIGGNLAGAPALMGNVVLWKPSDTAML
ASYAVYRILREAGLPPNIIQFVPADGPTFGDTVTSSEHLCGINFTGSVPTFKHLWRQVAQNLDRFRTFPRLAGECGGKNF
HFVHSSADVDSVVSGTLRSAFEYGGQKCSACSRLYVPKSLWPQIKGRLLEEHSRIKVGDPAEDFGTFFSAVIDAKAFARI
KKWLEHARSSPSLSILAGGQCNESVGYYVEPCIIESKDPQEPIMKEEIFGPVLTVYVYPDDKYRETLKLVDSTTSYGLTG
AVFAQDKAIVQEATRMLRNAAGNFYINDKSTGSVVGQQPFGGARASGTNDKPGGPHYILRWTSPQVIKETHKPLGDWRYS
YMQ
;
_entity_poly.pdbx_strand_id   A,B
#
# COMPACT_ATOMS: atom_id res chain seq x y z
N LYS A 31 -4.10 24.64 -6.38
CA LYS A 31 -4.41 24.69 -7.82
C LYS A 31 -3.15 24.57 -8.68
N VAL A 32 -3.08 23.49 -9.46
CA VAL A 32 -1.95 23.27 -10.35
C VAL A 32 -2.39 22.73 -11.71
N ALA A 33 -1.65 23.10 -12.74
CA ALA A 33 -1.87 22.60 -14.08
C ALA A 33 -0.57 22.01 -14.63
N ASN A 34 -0.66 21.24 -15.70
CA ASN A 34 0.53 20.65 -16.30
C ASN A 34 1.45 21.72 -16.90
N GLU A 35 2.76 21.48 -16.79
CA GLU A 35 3.77 22.32 -17.40
C GLU A 35 3.67 22.21 -18.92
N PRO A 36 3.68 23.34 -19.63
CA PRO A 36 3.63 23.27 -21.09
C PRO A 36 4.88 22.60 -21.66
N ILE A 37 4.66 21.78 -22.69
CA ILE A 37 5.74 21.18 -23.45
C ILE A 37 6.10 22.17 -24.54
N LEU A 38 7.36 22.60 -24.55
CA LEU A 38 7.80 23.63 -25.48
C LEU A 38 8.08 23.03 -26.87
N ALA A 39 7.97 23.87 -27.90
CA ALA A 39 8.11 23.43 -29.29
C ALA A 39 9.53 23.49 -29.82
N PHE A 40 10.36 24.32 -29.20
CA PHE A 40 11.76 24.44 -29.59
C PHE A 40 11.92 24.79 -31.07
N SER A 41 11.05 25.67 -31.55
CA SER A 41 11.15 26.17 -32.92
C SER A 41 12.43 26.97 -33.11
N GLN A 42 12.87 27.09 -34.34
CA GLN A 42 14.05 27.88 -34.66
C GLN A 42 13.90 29.30 -34.15
N GLY A 43 14.93 29.80 -33.48
CA GLY A 43 14.92 31.16 -32.97
C GLY A 43 14.10 31.35 -31.70
N SER A 44 13.55 30.26 -31.18
CA SER A 44 12.80 30.36 -29.94
C SER A 44 13.75 30.57 -28.76
N PRO A 45 13.25 31.18 -27.69
CA PRO A 45 14.08 31.35 -26.49
C PRO A 45 14.57 30.01 -25.96
N GLU A 46 13.70 29.00 -25.92
CA GLU A 46 14.09 27.72 -25.34
C GLU A 46 15.15 26.98 -26.18
N ARG A 47 15.08 27.10 -27.50
CA ARG A 47 16.03 26.42 -28.37
C ARG A 47 17.40 27.09 -28.25
N ASP A 48 17.40 28.42 -28.22
CA ASP A 48 18.65 29.14 -28.01
C ASP A 48 19.24 28.81 -26.64
N ALA A 49 18.40 28.78 -25.61
CA ALA A 49 18.88 28.47 -24.26
C ALA A 49 19.46 27.07 -24.20
N LEU A 50 18.81 26.12 -24.86
CA LEU A 50 19.25 24.72 -24.82
C LEU A 50 20.56 24.56 -25.58
N GLN A 51 20.68 25.24 -26.71
CA GLN A 51 21.91 25.14 -27.47
C GLN A 51 23.08 25.69 -26.64
N LYS A 52 22.85 26.77 -25.91
CA LYS A 52 23.87 27.30 -25.02
C LYS A 52 24.22 26.30 -23.93
N ALA A 53 23.20 25.71 -23.31
CA ALA A 53 23.40 24.71 -22.26
C ALA A 53 24.16 23.47 -22.74
N LEU A 54 23.93 23.08 -23.98
CA LEU A 54 24.68 21.96 -24.56
C LEU A 54 26.13 22.34 -24.76
N LYS A 55 26.37 23.57 -25.22
CA LYS A 55 27.74 24.04 -25.42
C LYS A 55 28.45 24.11 -24.08
N ASP A 56 27.70 24.42 -23.03
CA ASP A 56 28.24 24.52 -21.66
C ASP A 56 28.78 23.18 -21.15
N LEU A 57 28.30 22.08 -21.71
CA LEU A 57 28.67 20.74 -21.30
C LEU A 57 29.72 20.09 -22.20
N LYS A 58 29.92 20.67 -23.37
CA LYS A 58 30.84 20.05 -24.33
C LYS A 58 32.24 20.00 -23.72
N GLY A 59 32.83 18.81 -23.71
CA GLY A 59 34.16 18.64 -23.15
C GLY A 59 34.26 18.71 -21.63
N GLN A 60 33.11 18.80 -20.94
CA GLN A 60 33.16 18.95 -19.47
C GLN A 60 32.97 17.63 -18.72
N THR A 61 33.73 17.47 -17.64
CA THR A 61 33.49 16.39 -16.70
C THR A 61 33.22 17.01 -15.33
N GLU A 62 32.06 16.70 -14.76
CA GLU A 62 31.76 17.15 -13.41
C GLU A 62 32.16 16.10 -12.38
N ALA A 63 32.83 16.55 -11.32
CA ALA A 63 33.19 15.69 -10.21
C ALA A 63 32.07 15.77 -9.19
N ILE A 64 31.29 14.70 -9.13
CA ILE A 64 30.06 14.65 -8.33
C ILE A 64 30.29 13.79 -7.09
N PRO A 65 30.29 14.41 -5.91
CA PRO A 65 30.59 13.70 -4.67
C PRO A 65 29.34 13.01 -4.14
N CYS A 66 29.48 12.11 -3.17
CA CYS A 66 28.34 11.72 -2.37
C CYS A 66 28.04 12.92 -1.48
N VAL A 67 26.78 13.12 -1.13
CA VAL A 67 26.45 14.23 -0.23
C VAL A 67 25.70 13.68 0.97
N VAL A 68 26.30 13.86 2.13
CA VAL A 68 25.67 13.49 3.39
C VAL A 68 25.53 14.77 4.22
N GLY A 69 24.29 15.16 4.49
CA GLY A 69 24.01 16.46 5.05
C GLY A 69 24.45 17.52 4.06
N ASP A 70 25.44 18.33 4.44
CA ASP A 70 26.03 19.30 3.53
C ASP A 70 27.46 18.92 3.17
N GLU A 71 27.89 17.76 3.64
CA GLU A 71 29.27 17.32 3.39
C GLU A 71 29.41 16.66 2.03
N GLU A 72 30.41 17.10 1.26
CA GLU A 72 30.76 16.45 0.01
C GLU A 72 31.83 15.41 0.31
N VAL A 73 31.48 14.15 0.10
CA VAL A 73 32.32 13.04 0.50
C VAL A 73 32.82 12.26 -0.71
N TRP A 74 34.11 11.95 -0.70
CA TRP A 74 34.73 11.12 -1.72
C TRP A 74 35.31 9.84 -1.12
N THR A 75 34.98 8.71 -1.75
CA THR A 75 35.63 7.44 -1.45
C THR A 75 36.63 7.13 -2.57
N SER A 76 37.40 6.06 -2.40
CA SER A 76 38.38 5.67 -3.41
C SER A 76 37.77 4.87 -4.56
N ASP A 77 36.48 4.54 -4.44
CA ASP A 77 35.78 3.72 -5.43
C ASP A 77 35.25 4.61 -6.57
N ILE A 78 36.16 5.12 -7.37
CA ILE A 78 35.86 6.11 -8.41
C ILE A 78 35.22 5.48 -9.63
N GLN A 79 34.16 6.15 -10.13
CA GLN A 79 33.40 5.65 -11.26
C GLN A 79 33.20 6.79 -12.25
N TYR A 80 32.87 6.44 -13.50
CA TYR A 80 32.62 7.44 -14.53
C TYR A 80 31.29 7.22 -15.23
N GLN A 81 30.62 8.32 -15.53
CA GLN A 81 29.45 8.29 -16.41
C GLN A 81 29.91 8.76 -17.77
N LEU A 82 29.58 7.99 -18.81
CA LEU A 82 30.01 8.31 -20.16
C LEU A 82 28.83 8.78 -20.99
N SER A 83 29.09 9.66 -21.95
CA SER A 83 28.04 10.10 -22.87
C SER A 83 27.72 8.94 -23.81
N PRO A 84 26.47 8.49 -23.85
CA PRO A 84 26.18 7.26 -24.59
C PRO A 84 26.57 7.34 -26.07
N PHE A 85 26.44 8.50 -26.70
CA PHE A 85 26.74 8.64 -28.13
C PHE A 85 28.19 9.04 -28.41
N ASN A 86 28.97 9.20 -27.36
CA ASN A 86 30.38 9.55 -27.49
C ASN A 86 31.05 9.12 -26.21
N HIS A 87 31.33 7.82 -26.08
CA HIS A 87 31.73 7.26 -24.80
C HIS A 87 33.15 7.66 -24.37
N ALA A 88 33.87 8.31 -25.28
CA ALA A 88 35.15 8.94 -24.91
C ALA A 88 34.93 10.15 -24.01
N HIS A 89 33.72 10.70 -24.02
CA HIS A 89 33.41 11.85 -23.18
C HIS A 89 32.91 11.37 -21.83
N LYS A 90 33.74 11.53 -20.79
CA LYS A 90 33.31 11.24 -19.44
C LYS A 90 32.55 12.44 -18.91
N VAL A 91 31.22 12.34 -18.85
CA VAL A 91 30.41 13.50 -18.45
C VAL A 91 30.49 13.75 -16.95
N ALA A 92 30.79 12.70 -16.18
CA ALA A 92 30.93 12.88 -14.74
C ALA A 92 31.89 11.85 -14.16
N LYS A 93 32.58 12.28 -13.10
CA LYS A 93 33.32 11.37 -12.24
C LYS A 93 32.58 11.36 -10.92
N PHE A 94 32.29 10.18 -10.39
CA PHE A 94 31.63 10.11 -9.11
C PHE A 94 32.25 8.96 -8.31
N CYS A 95 31.67 8.62 -7.18
CA CYS A 95 32.20 7.49 -6.42
C CYS A 95 31.09 6.70 -5.76
N TYR A 96 31.38 5.44 -5.45
CA TYR A 96 30.44 4.60 -4.73
C TYR A 96 30.61 4.77 -3.22
N ALA A 97 29.51 5.05 -2.53
CA ALA A 97 29.52 5.06 -1.07
C ALA A 97 29.77 3.66 -0.56
N ASP A 98 30.66 3.49 0.41
CA ASP A 98 30.85 2.18 1.01
C ASP A 98 29.82 1.96 2.13
N LYS A 99 29.82 0.75 2.69
CA LYS A 99 28.90 0.43 3.77
C LYS A 99 29.00 1.44 4.91
N ALA A 100 30.21 1.81 5.28
CA ALA A 100 30.41 2.76 6.38
C ALA A 100 29.78 4.11 6.08
N LEU A 101 29.96 4.61 4.85
CA LEU A 101 29.41 5.91 4.50
C LEU A 101 27.89 5.84 4.45
N LEU A 102 27.36 4.76 3.90
CA LEU A 102 25.91 4.58 3.85
C LEU A 102 25.32 4.55 5.26
N ASN A 103 26.00 3.86 6.17
CA ASN A 103 25.54 3.82 7.56
C ASN A 103 25.59 5.18 8.26
N ARG A 104 26.63 5.97 7.98
CA ARG A 104 26.68 7.35 8.45
C ARG A 104 25.54 8.20 7.88
N ALA A 105 25.22 7.98 6.60
CA ALA A 105 24.16 8.72 5.95
C ALA A 105 22.81 8.38 6.59
N ILE A 106 22.62 7.11 6.95
CA ILE A 106 21.41 6.69 7.66
C ILE A 106 21.31 7.42 9.00
N ASP A 107 22.38 7.38 9.79
CA ASP A 107 22.35 8.00 11.11
C ASP A 107 22.03 9.51 11.05
N ALA A 108 22.67 10.21 10.13
CA ALA A 108 22.46 11.65 10.01
C ALA A 108 21.03 11.97 9.57
N ALA A 109 20.52 11.16 8.65
CA ALA A 109 19.18 11.34 8.15
C ALA A 109 18.17 11.12 9.29
N LEU A 110 18.35 10.04 10.04
CA LEU A 110 17.41 9.73 11.12
C LEU A 110 17.37 10.86 12.14
N ALA A 111 18.51 11.49 12.38
CA ALA A 111 18.58 12.61 13.33
C ALA A 111 17.84 13.88 12.86
N ALA A 112 17.63 14.00 11.55
CA ALA A 112 16.97 15.18 10.98
C ALA A 112 15.46 14.95 10.78
N ARG A 113 15.04 13.70 10.85
CA ARG A 113 13.69 13.31 10.46
C ARG A 113 12.58 13.93 11.32
N LYS A 114 12.73 13.89 12.65
CA LYS A 114 11.64 14.37 13.51
C LYS A 114 11.22 15.81 13.20
N GLU A 115 12.20 16.71 13.06
CA GLU A 115 11.91 18.11 12.82
C GLU A 115 11.27 18.32 11.45
N TRP A 116 11.77 17.58 10.45
CA TRP A 116 11.24 17.67 9.10
C TRP A 116 9.79 17.19 9.05
N ASP A 117 9.53 16.07 9.74
CA ASP A 117 8.20 15.48 9.80
C ASP A 117 7.22 16.40 10.55
N LEU A 118 7.72 17.12 11.55
CA LEU A 118 6.91 18.06 12.31
C LEU A 118 6.55 19.35 11.55
N LYS A 119 7.26 19.65 10.47
CA LYS A 119 6.93 20.81 9.65
C LYS A 119 5.54 20.67 9.03
N PRO A 120 4.78 21.77 8.97
CA PRO A 120 3.49 21.75 8.28
C PRO A 120 3.67 21.24 6.86
N MET A 121 2.70 20.47 6.37
CA MET A 121 2.79 19.95 5.01
C MET A 121 3.05 21.06 3.99
N ALA A 122 2.42 22.21 4.17
CA ALA A 122 2.55 23.32 3.23
C ALA A 122 3.99 23.83 3.14
N ASP A 123 4.70 23.83 4.27
CA ASP A 123 6.10 24.28 4.30
C ASP A 123 7.01 23.34 3.51
N ARG A 124 6.75 22.04 3.62
CA ARG A 124 7.52 21.07 2.84
C ARG A 124 7.16 21.19 1.38
N ALA A 125 5.87 21.34 1.09
CA ALA A 125 5.40 21.50 -0.28
C ALA A 125 6.08 22.67 -0.97
N GLN A 126 6.35 23.74 -0.21
CA GLN A 126 6.91 24.94 -0.79
C GLN A 126 8.29 24.70 -1.41
N VAL A 127 9.06 23.79 -0.82
CA VAL A 127 10.38 23.46 -1.34
C VAL A 127 10.23 22.89 -2.76
N PHE A 128 9.26 22.00 -2.92
CA PHE A 128 9.04 21.36 -4.22
C PHE A 128 8.41 22.29 -5.24
N LEU A 129 7.55 23.19 -4.79
CA LEU A 129 6.97 24.20 -5.68
C LEU A 129 8.07 25.13 -6.17
N LYS A 130 8.99 25.50 -5.29
CA LYS A 130 10.09 26.38 -5.67
C LYS A 130 11.00 25.66 -6.65
N ALA A 131 11.32 24.41 -6.36
CA ALA A 131 12.13 23.58 -7.25
C ALA A 131 11.48 23.48 -8.63
N ALA A 132 10.16 23.28 -8.66
CA ALA A 132 9.43 23.22 -9.93
C ALA A 132 9.57 24.51 -10.74
N ASP A 133 9.45 25.65 -10.08
CA ASP A 133 9.61 26.94 -10.77
C ASP A 133 11.03 27.12 -11.31
N MET A 134 12.02 26.65 -10.55
CA MET A 134 13.40 26.71 -11.00
C MET A 134 13.61 25.85 -12.25
N LEU A 135 13.09 24.62 -12.21
CA LEU A 135 13.16 23.71 -13.35
C LEU A 135 12.42 24.28 -14.56
N SER A 136 11.27 24.89 -14.32
CA SER A 136 10.49 25.46 -15.43
C SER A 136 11.25 26.57 -16.14
N GLY A 137 11.87 27.44 -15.35
CA GLY A 137 12.51 28.65 -15.88
C GLY A 137 14.02 28.58 -16.03
N PRO A 138 14.75 29.11 -15.03
CA PRO A 138 16.18 29.34 -15.18
C PRO A 138 17.04 28.07 -15.29
N ARG A 139 16.53 26.93 -14.81
CA ARG A 139 17.32 25.70 -14.81
C ARG A 139 16.87 24.71 -15.89
N ARG A 140 15.88 25.11 -16.69
CA ARG A 140 15.32 24.18 -17.68
C ARG A 140 16.37 23.71 -18.67
N ALA A 141 17.10 24.64 -19.27
CA ALA A 141 18.08 24.29 -20.28
C ALA A 141 19.14 23.36 -19.71
N GLU A 142 19.57 23.66 -18.48
CA GLU A 142 20.57 22.85 -17.81
C GLU A 142 20.14 21.38 -17.64
N VAL A 143 18.96 21.16 -17.07
CA VAL A 143 18.55 19.78 -16.84
C VAL A 143 18.24 19.02 -18.13
N LEU A 144 17.71 19.71 -19.13
CA LEU A 144 17.51 19.11 -20.44
C LEU A 144 18.87 18.69 -21.01
N ALA A 145 19.81 19.63 -21.04
CA ALA A 145 21.14 19.38 -21.61
C ALA A 145 21.87 18.23 -20.91
N LYS A 146 21.79 18.19 -19.58
CA LYS A 146 22.46 17.12 -18.84
C LYS A 146 21.81 15.76 -19.09
N THR A 147 20.50 15.77 -19.36
CA THR A 147 19.78 14.54 -19.70
C THR A 147 20.14 14.10 -21.12
N MET A 148 20.29 15.08 -22.03
CA MET A 148 20.67 14.75 -23.40
C MET A 148 22.09 14.18 -23.46
N VAL A 149 23.04 14.88 -22.88
CA VAL A 149 24.45 14.49 -22.97
C VAL A 149 24.78 13.25 -22.12
N GLY A 150 24.18 13.16 -20.94
CA GLY A 150 24.46 12.08 -20.01
C GLY A 150 23.71 10.78 -20.26
N GLN A 151 22.47 10.90 -20.73
CA GLN A 151 21.60 9.75 -20.94
C GLN A 151 21.28 9.48 -22.41
N GLY A 152 21.71 10.39 -23.29
CA GLY A 152 21.55 10.17 -24.72
C GLY A 152 20.20 10.54 -25.29
N LYS A 153 19.43 11.34 -24.56
CA LYS A 153 18.10 11.75 -25.03
C LYS A 153 18.16 12.84 -26.08
N THR A 154 17.18 12.84 -26.98
CA THR A 154 16.97 13.95 -27.91
C THR A 154 16.28 15.09 -27.19
N VAL A 155 16.21 16.24 -27.86
CA VAL A 155 15.58 17.43 -27.29
C VAL A 155 14.21 17.13 -26.70
N ILE A 156 13.31 16.57 -27.49
CA ILE A 156 11.93 16.39 -27.04
C ILE A 156 11.84 15.34 -25.92
N GLN A 157 12.67 14.29 -25.99
CA GLN A 157 12.65 13.27 -24.94
C GLN A 157 13.14 13.86 -23.62
N ALA A 158 14.12 14.76 -23.68
CA ALA A 158 14.61 15.41 -22.47
C ALA A 158 13.55 16.37 -21.93
N GLU A 159 12.92 17.13 -22.83
CA GLU A 159 11.88 18.07 -22.46
C GLU A 159 10.70 17.42 -21.74
N ILE A 160 10.22 16.30 -22.26
CA ILE A 160 9.04 15.67 -21.64
C ILE A 160 9.37 15.02 -20.30
N ASP A 161 10.67 14.80 -20.09
CA ASP A 161 11.16 14.08 -18.92
C ASP A 161 11.70 15.06 -17.87
N ALA A 162 12.91 15.57 -18.10
CA ALA A 162 13.61 16.35 -17.09
C ALA A 162 12.93 17.67 -16.75
N ALA A 163 12.16 18.20 -17.69
CA ALA A 163 11.36 19.40 -17.44
C ALA A 163 9.92 19.02 -17.10
N ALA A 164 9.11 18.73 -18.11
CA ALA A 164 7.66 18.56 -17.87
C ALA A 164 7.30 17.52 -16.82
N GLU A 165 7.78 16.30 -16.96
CA GLU A 165 7.35 15.26 -16.03
C GLU A 165 7.83 15.54 -14.60
N LEU A 166 9.07 15.99 -14.47
CA LEU A 166 9.62 16.23 -13.15
C LEU A 166 8.91 17.41 -12.49
N ILE A 167 8.72 18.48 -13.26
CA ILE A 167 7.96 19.64 -12.80
C ILE A 167 6.56 19.23 -12.37
N ASP A 168 5.89 18.42 -13.19
CA ASP A 168 4.55 17.96 -12.84
C ASP A 168 4.53 17.08 -11.59
N PHE A 169 5.50 16.17 -11.44
CA PHE A 169 5.55 15.34 -10.22
C PHE A 169 5.58 16.26 -9.00
N PHE A 170 6.47 17.25 -9.05
CA PHE A 170 6.64 18.18 -7.94
C PHE A 170 5.38 19.01 -7.66
N ARG A 171 4.77 19.58 -8.70
CA ARG A 171 3.60 20.40 -8.48
C ARG A 171 2.36 19.58 -8.09
N PHE A 172 2.10 18.50 -8.82
CA PHE A 172 0.93 17.67 -8.51
C PHE A 172 1.03 16.96 -7.16
N ASN A 173 2.19 16.38 -6.85
CA ASN A 173 2.33 15.72 -5.55
C ASN A 173 2.17 16.73 -4.42
N ALA A 174 2.66 17.95 -4.62
CA ALA A 174 2.49 19.00 -3.62
C ALA A 174 1.00 19.31 -3.43
N LYS A 175 0.28 19.42 -4.53
CA LYS A 175 -1.17 19.62 -4.47
C LYS A 175 -1.86 18.47 -3.72
N PHE A 176 -1.55 17.24 -4.13
CA PHE A 176 -2.19 16.07 -3.52
C PHE A 176 -1.92 16.03 -2.02
N ALA A 177 -0.70 16.38 -1.63
CA ALA A 177 -0.28 16.34 -0.23
C ALA A 177 -0.97 17.39 0.62
N VAL A 178 -1.06 18.61 0.10
CA VAL A 178 -1.69 19.70 0.82
C VAL A 178 -3.17 19.42 0.96
N GLU A 179 -3.76 18.86 -0.09
CA GLU A 179 -5.18 18.52 -0.05
C GLU A 179 -5.47 17.31 0.84
N LEU A 180 -4.49 16.41 0.95
CA LEU A 180 -4.67 15.23 1.81
C LEU A 180 -4.89 15.66 3.26
N GLU A 181 -4.23 16.72 3.69
CA GLU A 181 -4.44 17.21 5.04
C GLU A 181 -5.88 17.68 5.29
N GLY A 182 -6.64 17.90 4.21
CA GLY A 182 -8.02 18.30 4.33
C GLY A 182 -8.96 17.12 4.49
N GLU A 183 -8.41 15.92 4.29
CA GLU A 183 -9.17 14.71 4.50
C GLU A 183 -9.19 14.37 5.98
N GLN A 184 -10.27 14.75 6.65
CA GLN A 184 -10.35 14.63 8.10
C GLN A 184 -11.57 13.83 8.51
N PRO A 185 -11.51 13.18 9.68
CA PRO A 185 -12.65 12.35 10.08
C PRO A 185 -13.77 13.18 10.66
N ILE A 186 -14.85 12.49 11.03
CA ILE A 186 -16.03 13.09 11.65
C ILE A 186 -15.78 13.35 13.13
N SER A 187 -16.18 14.52 13.61
CA SER A 187 -16.13 14.83 15.03
C SER A 187 -17.55 14.96 15.55
N VAL A 188 -17.82 14.35 16.70
CA VAL A 188 -19.12 14.50 17.36
C VAL A 188 -18.90 14.93 18.81
N PRO A 189 -19.60 15.98 19.25
CA PRO A 189 -19.45 16.45 20.62
C PRO A 189 -19.56 15.28 21.59
N PRO A 190 -18.75 15.27 22.67
CA PRO A 190 -17.82 16.33 23.05
C PRO A 190 -16.38 15.97 22.68
N SER A 191 -16.17 15.47 21.46
CA SER A 191 -14.83 15.09 21.05
C SER A 191 -14.48 15.65 19.67
N THR A 192 -13.20 15.96 19.48
CA THR A 192 -12.70 16.42 18.21
C THR A 192 -11.68 15.42 17.69
N ASN A 193 -11.83 15.01 16.43
CA ASN A 193 -10.93 14.04 15.83
C ASN A 193 -10.12 14.67 14.71
N HIS A 194 -8.84 14.35 14.67
CA HIS A 194 -7.97 14.92 13.66
C HIS A 194 -6.98 13.85 13.19
N THR A 195 -6.78 13.78 11.88
CA THR A 195 -5.77 12.88 11.34
C THR A 195 -4.47 13.64 11.05
N VAL A 196 -3.38 13.10 11.58
CA VAL A 196 -2.04 13.63 11.35
C VAL A 196 -1.36 12.69 10.36
N TYR A 197 -1.00 13.20 9.19
CA TYR A 197 -0.37 12.38 8.18
C TYR A 197 1.14 12.34 8.42
N ARG A 198 1.54 11.46 9.34
CA ARG A 198 2.94 11.30 9.72
C ARG A 198 3.74 10.73 8.58
N GLY A 199 4.98 11.16 8.43
CA GLY A 199 5.90 10.42 7.60
C GLY A 199 6.16 9.06 8.25
N LEU A 200 6.77 8.15 7.49
CA LEU A 200 7.09 6.84 8.04
C LEU A 200 8.27 6.99 8.99
N GLU A 201 8.29 6.19 10.04
CA GLU A 201 9.35 6.28 11.04
C GLU A 201 10.53 5.42 10.60
N GLY A 202 11.67 6.08 10.35
CA GLY A 202 12.85 5.40 9.86
C GLY A 202 13.37 6.16 8.66
N PHE A 203 14.05 5.46 7.75
CA PHE A 203 14.48 6.10 6.50
C PHE A 203 13.98 5.30 5.32
N VAL A 204 13.83 5.99 4.18
CA VAL A 204 13.39 5.36 2.94
C VAL A 204 14.57 5.31 1.99
N ALA A 205 14.76 4.16 1.33
CA ALA A 205 15.79 3.99 0.31
C ALA A 205 15.16 4.18 -1.07
N ALA A 206 15.70 5.12 -1.86
CA ALA A 206 15.16 5.39 -3.19
C ALA A 206 16.19 4.95 -4.20
N ILE A 207 15.79 4.07 -5.11
CA ILE A 207 16.72 3.48 -6.07
C ILE A 207 16.15 3.77 -7.46
N SER A 208 16.78 4.68 -8.19
CA SER A 208 16.22 5.16 -9.45
C SER A 208 16.92 4.58 -10.69
N PRO A 209 16.21 4.57 -11.83
CA PRO A 209 16.71 3.99 -13.08
C PRO A 209 17.35 5.04 -13.98
N PHE A 210 18.08 4.59 -14.99
CA PHE A 210 18.81 5.49 -15.88
C PHE A 210 17.91 6.28 -16.81
N ASN A 211 16.70 5.75 -17.07
CA ASN A 211 15.99 6.14 -18.30
C ASN A 211 15.09 7.38 -18.22
N PHE A 212 14.77 7.82 -17.00
CA PHE A 212 14.06 9.07 -16.82
C PHE A 212 14.64 9.86 -15.66
N THR A 213 15.08 11.07 -15.95
CA THR A 213 15.56 11.94 -14.90
C THR A 213 14.44 12.21 -13.89
N ALA A 214 13.23 12.35 -14.40
CA ALA A 214 12.08 12.67 -13.55
C ALA A 214 11.77 11.60 -12.53
N ILE A 215 11.98 10.34 -12.89
CA ILE A 215 11.66 9.25 -11.96
C ILE A 215 12.53 9.31 -10.71
N GLY A 216 13.81 9.64 -10.89
CA GLY A 216 14.68 9.83 -9.74
C GLY A 216 14.18 10.94 -8.83
N GLY A 217 13.80 12.07 -9.42
CA GLY A 217 13.25 13.18 -8.65
C GLY A 217 12.03 12.75 -7.86
N ASN A 218 11.15 11.98 -8.48
CA ASN A 218 9.93 11.51 -7.79
C ASN A 218 10.20 10.45 -6.72
N LEU A 219 11.09 9.50 -7.01
CA LEU A 219 11.34 8.39 -6.08
C LEU A 219 11.91 8.90 -4.76
N ALA A 220 12.79 9.90 -4.86
CA ALA A 220 13.35 10.50 -3.65
C ALA A 220 12.46 11.61 -3.13
N GLY A 221 11.87 12.38 -4.04
CA GLY A 221 11.15 13.58 -3.68
C GLY A 221 9.79 13.33 -3.05
N ALA A 222 9.03 12.37 -3.60
CA ALA A 222 7.69 12.13 -3.07
C ALA A 222 7.73 11.71 -1.60
N PRO A 223 8.61 10.77 -1.22
CA PRO A 223 8.66 10.45 0.22
C PRO A 223 9.15 11.62 1.07
N ALA A 224 10.14 12.37 0.61
CA ALA A 224 10.61 13.53 1.36
C ALA A 224 9.47 14.55 1.58
N LEU A 225 8.66 14.77 0.54
CA LEU A 225 7.50 15.66 0.64
C LEU A 225 6.59 15.25 1.80
N MET A 226 6.47 13.95 2.02
CA MET A 226 5.55 13.43 3.02
C MET A 226 6.18 13.32 4.41
N GLY A 227 7.35 13.93 4.57
CA GLY A 227 7.98 13.99 5.88
C GLY A 227 8.99 12.89 6.15
N ASN A 228 9.38 12.15 5.12
CA ASN A 228 10.39 11.12 5.26
C ASN A 228 11.77 11.65 5.00
N VAL A 229 12.77 10.89 5.45
CA VAL A 229 14.15 11.14 5.07
C VAL A 229 14.59 9.97 4.19
N VAL A 230 15.52 10.23 3.26
CA VAL A 230 15.73 9.33 2.14
C VAL A 230 17.22 9.16 1.86
N LEU A 231 17.66 7.92 1.66
CA LEU A 231 18.95 7.70 1.01
C LEU A 231 18.63 7.45 -0.47
N TRP A 232 19.10 8.33 -1.33
CA TRP A 232 18.86 8.22 -2.77
C TRP A 232 20.10 7.67 -3.46
N LYS A 233 19.97 6.47 -4.03
CA LYS A 233 20.99 5.90 -4.90
C LYS A 233 20.58 6.16 -6.32
N PRO A 234 21.15 7.18 -6.96
CA PRO A 234 20.80 7.49 -8.34
C PRO A 234 21.45 6.48 -9.28
N SER A 235 20.94 6.37 -10.49
CA SER A 235 21.55 5.48 -11.48
C SER A 235 22.91 5.99 -11.95
N ASP A 236 23.89 5.10 -12.02
CA ASP A 236 25.24 5.46 -12.46
C ASP A 236 25.18 6.18 -13.80
N THR A 237 24.37 5.67 -14.70
CA THR A 237 24.31 6.22 -16.05
C THR A 237 23.38 7.43 -16.20
N ALA A 238 22.85 7.93 -15.08
CA ALA A 238 22.12 9.21 -15.12
C ALA A 238 22.64 10.16 -14.03
N MET A 239 23.90 9.99 -13.64
CA MET A 239 24.44 10.71 -12.51
C MET A 239 24.40 12.24 -12.69
N LEU A 240 24.80 12.70 -13.87
CA LEU A 240 24.92 14.14 -14.14
C LEU A 240 23.60 14.86 -13.92
N ALA A 241 22.55 14.38 -14.56
CA ALA A 241 21.24 15.01 -14.42
C ALA A 241 20.65 14.79 -13.04
N SER A 242 20.90 13.63 -12.46
CA SER A 242 20.39 13.35 -11.12
C SER A 242 20.97 14.32 -10.10
N TYR A 243 22.26 14.59 -10.19
CA TYR A 243 22.87 15.51 -9.23
C TYR A 243 22.36 16.92 -9.47
N ALA A 244 22.05 17.25 -10.73
CA ALA A 244 21.49 18.57 -11.05
C ALA A 244 20.18 18.77 -10.33
N VAL A 245 19.34 17.75 -10.35
CA VAL A 245 18.07 17.78 -9.65
C VAL A 245 18.30 17.90 -8.15
N TYR A 246 19.21 17.09 -7.62
CA TYR A 246 19.53 17.15 -6.21
C TYR A 246 19.93 18.57 -5.78
N ARG A 247 20.86 19.18 -6.51
CA ARG A 247 21.31 20.53 -6.17
C ARG A 247 20.17 21.54 -6.22
N ILE A 248 19.27 21.38 -7.21
CA ILE A 248 18.12 22.26 -7.29
C ILE A 248 17.22 22.15 -6.06
N LEU A 249 16.99 20.92 -5.60
CA LEU A 249 16.18 20.72 -4.40
C LEU A 249 16.83 21.41 -3.19
N ARG A 250 18.15 21.25 -3.05
CA ARG A 250 18.83 21.89 -1.93
C ARG A 250 18.73 23.40 -2.02
N GLU A 251 18.94 23.93 -3.22
CA GLU A 251 18.85 25.38 -3.45
C GLU A 251 17.44 25.91 -3.21
N ALA A 252 16.44 25.07 -3.48
CA ALA A 252 15.03 25.43 -3.28
C ALA A 252 14.62 25.42 -1.82
N GLY A 253 15.52 24.96 -0.94
CA GLY A 253 15.27 25.02 0.48
C GLY A 253 15.22 23.70 1.22
N LEU A 254 15.51 22.60 0.53
CA LEU A 254 15.54 21.31 1.22
C LEU A 254 16.66 21.34 2.26
N PRO A 255 16.32 21.09 3.54
CA PRO A 255 17.33 21.14 4.60
C PRO A 255 18.33 19.99 4.50
N PRO A 256 19.45 20.09 5.21
CA PRO A 256 20.44 19.01 5.15
C PRO A 256 19.91 17.72 5.78
N ASN A 257 20.36 16.58 5.25
CA ASN A 257 20.05 15.26 5.79
C ASN A 257 18.63 14.77 5.57
N ILE A 258 17.88 15.45 4.70
CA ILE A 258 16.54 14.97 4.34
C ILE A 258 16.65 14.04 3.12
N ILE A 259 17.45 14.43 2.14
CA ILE A 259 17.83 13.51 1.06
C ILE A 259 19.34 13.42 1.00
N GLN A 260 19.86 12.20 1.18
CA GLN A 260 21.30 11.97 1.08
C GLN A 260 21.57 11.49 -0.34
N PHE A 261 22.58 12.06 -0.98
CA PHE A 261 22.92 11.72 -2.36
C PHE A 261 24.04 10.68 -2.34
N VAL A 262 23.66 9.41 -2.49
CA VAL A 262 24.60 8.31 -2.24
C VAL A 262 24.63 7.25 -3.35
N PRO A 263 25.29 7.59 -4.47
CA PRO A 263 25.62 6.59 -5.48
C PRO A 263 26.33 5.43 -4.81
N ALA A 264 26.09 4.21 -5.29
CA ALA A 264 26.70 3.05 -4.68
C ALA A 264 26.56 1.85 -5.59
N ASP A 265 27.38 0.84 -5.35
CA ASP A 265 27.23 -0.44 -5.99
C ASP A 265 25.85 -0.99 -5.61
N GLY A 266 25.12 -1.54 -6.58
CA GLY A 266 23.75 -1.98 -6.34
C GLY A 266 23.61 -2.94 -5.17
N PRO A 267 24.32 -4.08 -5.24
CA PRO A 267 24.24 -5.05 -4.15
C PRO A 267 24.71 -4.48 -2.81
N THR A 268 25.76 -3.68 -2.82
CA THR A 268 26.23 -3.09 -1.58
C THR A 268 25.14 -2.20 -0.96
N PHE A 269 24.51 -1.39 -1.79
CA PHE A 269 23.47 -0.49 -1.29
C PHE A 269 22.30 -1.30 -0.73
N GLY A 270 21.85 -2.28 -1.51
CA GLY A 270 20.73 -3.11 -1.10
C GLY A 270 21.03 -3.85 0.20
N ASP A 271 22.20 -4.46 0.28
CA ASP A 271 22.59 -5.17 1.48
C ASP A 271 22.62 -4.25 2.69
N THR A 272 23.13 -3.04 2.49
CA THR A 272 23.28 -2.12 3.62
C THR A 272 21.93 -1.62 4.12
N VAL A 273 21.06 -1.19 3.21
CA VAL A 273 19.81 -0.60 3.68
C VAL A 273 18.87 -1.66 4.27
N THR A 274 18.88 -2.87 3.71
CA THR A 274 18.01 -3.94 4.23
C THR A 274 18.55 -4.54 5.53
N SER A 275 19.78 -4.16 5.89
CA SER A 275 20.39 -4.62 7.15
C SER A 275 20.15 -3.66 8.30
N SER A 276 19.57 -2.49 8.01
CA SER A 276 19.36 -1.48 9.04
C SER A 276 18.01 -1.66 9.72
N GLU A 277 18.02 -1.65 11.06
CA GLU A 277 16.77 -1.80 11.80
C GLU A 277 15.81 -0.63 11.54
N HIS A 278 16.32 0.43 10.92
CA HIS A 278 15.54 1.65 10.73
C HIS A 278 14.96 1.82 9.32
N LEU A 279 15.15 0.82 8.47
CA LEU A 279 14.55 0.89 7.13
C LEU A 279 13.02 0.90 7.25
N CYS A 280 12.34 1.85 6.61
CA CYS A 280 10.88 1.83 6.66
C CYS A 280 10.24 1.79 5.26
N GLY A 281 11.06 1.89 4.22
CA GLY A 281 10.53 1.78 2.88
C GLY A 281 11.61 1.70 1.83
N ILE A 282 11.27 1.09 0.69
CA ILE A 282 12.13 1.10 -0.47
C ILE A 282 11.26 1.57 -1.62
N ASN A 283 11.70 2.61 -2.30
CA ASN A 283 11.02 3.14 -3.46
C ASN A 283 11.89 2.83 -4.66
N PHE A 284 11.48 1.84 -5.44
CA PHE A 284 12.36 1.23 -6.44
C PHE A 284 11.77 1.32 -7.83
N THR A 285 12.64 1.59 -8.81
CA THR A 285 12.25 1.42 -10.20
C THR A 285 13.43 0.75 -10.91
N GLY A 286 13.17 -0.41 -11.51
CA GLY A 286 14.22 -1.21 -12.11
C GLY A 286 13.79 -2.62 -12.44
N SER A 287 14.73 -3.56 -12.45
CA SER A 287 14.45 -4.94 -12.87
C SER A 287 13.61 -5.75 -11.89
N VAL A 288 12.81 -6.67 -12.42
CA VAL A 288 12.05 -7.60 -11.57
C VAL A 288 12.95 -8.40 -10.62
N PRO A 289 14.04 -8.99 -11.13
CA PRO A 289 14.87 -9.82 -10.24
C PRO A 289 15.46 -8.99 -9.10
N THR A 290 15.84 -7.75 -9.37
CA THR A 290 16.41 -6.92 -8.30
C THR A 290 15.36 -6.58 -7.26
N PHE A 291 14.17 -6.20 -7.69
CA PHE A 291 13.08 -5.92 -6.76
C PHE A 291 12.76 -7.15 -5.91
N LYS A 292 12.69 -8.31 -6.55
CA LYS A 292 12.39 -9.56 -5.84
C LYS A 292 13.47 -9.84 -4.79
N HIS A 293 14.72 -9.60 -5.17
CA HIS A 293 15.85 -9.79 -4.25
C HIS A 293 15.73 -8.89 -3.02
N LEU A 294 15.48 -7.61 -3.23
CA LEU A 294 15.26 -6.69 -2.11
C LEU A 294 14.09 -7.12 -1.22
N TRP A 295 12.99 -7.54 -1.84
CA TRP A 295 11.82 -8.04 -1.14
C TRP A 295 12.22 -9.22 -0.25
N ARG A 296 13.01 -10.13 -0.81
CA ARG A 296 13.47 -11.30 -0.03
C ARG A 296 14.44 -10.92 1.08
N GLN A 297 15.28 -9.90 0.85
CA GLN A 297 16.20 -9.43 1.88
C GLN A 297 15.45 -8.83 3.06
N VAL A 298 14.42 -8.04 2.77
CA VAL A 298 13.60 -7.46 3.80
C VAL A 298 12.92 -8.57 4.61
N ALA A 299 12.40 -9.57 3.91
CA ALA A 299 11.70 -10.66 4.62
C ALA A 299 12.65 -11.44 5.51
N GLN A 300 13.86 -11.70 5.03
CA GLN A 300 14.85 -12.41 5.81
C GLN A 300 15.15 -11.66 7.11
N ASN A 301 15.12 -10.34 7.02
CA ASN A 301 15.48 -9.50 8.16
C ASN A 301 14.31 -8.93 8.95
N LEU A 302 13.11 -9.50 8.77
CA LEU A 302 11.93 -8.92 9.41
C LEU A 302 12.07 -8.73 10.90
N ASP A 303 12.80 -9.62 11.57
CA ASP A 303 12.87 -9.55 13.02
C ASP A 303 13.78 -8.42 13.50
N ARG A 304 14.52 -7.82 12.57
CA ARG A 304 15.43 -6.74 12.94
C ARG A 304 14.77 -5.34 12.88
N PHE A 305 13.74 -5.19 12.06
CA PHE A 305 13.20 -3.85 11.77
C PHE A 305 12.29 -3.36 12.86
N ARG A 306 12.34 -2.06 13.13
CA ARG A 306 11.42 -1.46 14.11
C ARG A 306 9.98 -1.46 13.61
N THR A 307 9.80 -1.36 12.29
CA THR A 307 8.46 -1.52 11.71
C THR A 307 8.54 -2.25 10.38
N PHE A 308 7.39 -2.56 9.80
CA PHE A 308 7.34 -3.33 8.56
C PHE A 308 7.65 -2.41 7.39
N PRO A 309 8.76 -2.66 6.68
CA PRO A 309 9.07 -1.74 5.60
C PRO A 309 8.08 -1.84 4.45
N ARG A 310 7.84 -0.72 3.79
CA ARG A 310 6.93 -0.65 2.65
C ARG A 310 7.73 -0.67 1.37
N LEU A 311 7.49 -1.67 0.52
CA LEU A 311 8.20 -1.79 -0.73
C LEU A 311 7.32 -1.34 -1.89
N ALA A 312 7.85 -0.42 -2.69
CA ALA A 312 7.16 0.05 -3.89
C ALA A 312 8.11 -0.22 -5.06
N GLY A 313 7.60 -0.90 -6.08
CA GLY A 313 8.44 -1.29 -7.20
C GLY A 313 7.72 -1.12 -8.52
N GLU A 314 8.37 -0.45 -9.44
CA GLU A 314 7.91 -0.36 -10.82
C GLU A 314 8.95 -1.10 -11.62
N CYS A 315 8.54 -2.17 -12.29
N CYS A 315 8.52 -2.17 -12.32
CA CYS A 315 9.49 -2.93 -13.06
CA CYS A 315 9.42 -3.23 -12.80
C CYS A 315 9.07 -2.93 -14.53
C CYS A 315 9.39 -3.60 -14.29
N GLY A 316 9.67 -3.80 -15.31
N GLY A 316 8.92 -2.69 -15.14
CA GLY A 316 9.53 -3.75 -16.75
CA GLY A 316 9.00 -2.90 -16.58
C GLY A 316 8.17 -4.15 -17.28
C GLY A 316 7.83 -3.67 -17.19
N GLY A 317 8.04 -4.08 -18.60
N GLY A 317 7.95 -3.97 -18.47
CA GLY A 317 6.82 -4.48 -19.27
CA GLY A 317 6.88 -4.63 -19.20
C GLY A 317 7.17 -5.00 -20.65
C GLY A 317 7.28 -5.26 -20.52
N LYS A 318 6.32 -5.89 -21.18
CA LYS A 318 6.49 -6.33 -22.56
C LYS A 318 5.23 -5.82 -23.25
N ASN A 319 5.27 -4.58 -23.71
CA ASN A 319 4.04 -3.87 -24.02
C ASN A 319 3.58 -4.06 -25.45
N PHE A 320 2.26 -4.08 -25.65
CA PHE A 320 1.69 -4.40 -26.96
C PHE A 320 1.03 -3.21 -27.64
N HIS A 321 1.05 -3.22 -28.97
CA HIS A 321 0.09 -2.47 -29.77
C HIS A 321 -0.72 -3.53 -30.54
N PHE A 322 -2.02 -3.61 -30.27
CA PHE A 322 -2.89 -4.55 -30.96
C PHE A 322 -3.71 -3.80 -32.00
N VAL A 323 -3.63 -4.25 -33.25
CA VAL A 323 -4.34 -3.57 -34.33
C VAL A 323 -5.51 -4.39 -34.83
N HIS A 324 -6.70 -3.77 -34.87
CA HIS A 324 -7.86 -4.38 -35.52
C HIS A 324 -7.95 -3.88 -36.96
N SER A 325 -8.60 -4.65 -37.82
CA SER A 325 -8.68 -4.33 -39.25
C SER A 325 -9.31 -2.95 -39.54
N SER A 326 -10.08 -2.42 -38.60
CA SER A 326 -10.71 -1.10 -38.71
C SER A 326 -9.80 0.08 -38.34
N ALA A 327 -8.55 -0.21 -37.97
CA ALA A 327 -7.64 0.83 -37.47
C ALA A 327 -7.29 1.88 -38.52
N ASP A 328 -6.97 3.07 -38.04
CA ASP A 328 -6.38 4.10 -38.89
C ASP A 328 -4.89 3.77 -39.08
N VAL A 329 -4.54 3.34 -40.29
CA VAL A 329 -3.18 2.85 -40.55
C VAL A 329 -2.11 3.90 -40.27
N ASP A 330 -2.35 5.15 -40.64
CA ASP A 330 -1.37 6.21 -40.40
C ASP A 330 -1.03 6.34 -38.91
N SER A 331 -2.07 6.31 -38.08
CA SER A 331 -1.91 6.37 -36.62
C SER A 331 -1.17 5.14 -36.07
N VAL A 332 -1.51 3.96 -36.58
CA VAL A 332 -0.79 2.75 -36.21
C VAL A 332 0.70 2.92 -36.53
N VAL A 333 1.01 3.41 -37.73
CA VAL A 333 2.41 3.52 -38.12
C VAL A 333 3.19 4.51 -37.28
N SER A 334 2.73 5.76 -37.20
CA SER A 334 3.46 6.76 -36.43
CA SER A 334 3.47 6.75 -36.44
C SER A 334 3.50 6.43 -34.95
N GLY A 335 2.37 6.01 -34.40
CA GLY A 335 2.31 5.68 -32.98
C GLY A 335 3.22 4.53 -32.61
N THR A 336 3.29 3.54 -33.50
CA THR A 336 4.14 2.39 -33.24
C THR A 336 5.62 2.73 -33.41
N LEU A 337 5.97 3.51 -34.44
CA LEU A 337 7.36 3.95 -34.59
C LEU A 337 7.81 4.74 -33.36
N ARG A 338 6.99 5.67 -32.90
CA ARG A 338 7.36 6.40 -31.69
C ARG A 338 7.46 5.49 -30.47
N SER A 339 6.44 4.67 -30.24
CA SER A 339 6.44 3.86 -29.03
C SER A 339 7.62 2.90 -28.97
N ALA A 340 7.92 2.29 -30.12
CA ALA A 340 8.97 1.27 -30.18
C ALA A 340 10.37 1.84 -30.17
N PHE A 341 10.55 3.02 -30.77
CA PHE A 341 11.91 3.50 -31.04
C PHE A 341 12.34 4.78 -30.33
N GLU A 342 11.39 5.58 -29.85
CA GLU A 342 11.81 6.80 -29.16
C GLU A 342 12.71 6.43 -27.97
N TYR A 343 13.74 7.24 -27.75
CA TYR A 343 14.77 6.95 -26.75
C TYR A 343 15.29 5.52 -26.88
N GLY A 344 15.44 5.06 -28.12
CA GLY A 344 15.95 3.74 -28.38
C GLY A 344 15.14 2.60 -27.77
N GLY A 345 13.85 2.81 -27.55
CA GLY A 345 13.00 1.78 -26.97
C GLY A 345 13.27 1.57 -25.48
N GLN A 346 14.04 2.47 -24.88
CA GLN A 346 14.46 2.29 -23.49
C GLN A 346 13.44 2.84 -22.50
N LYS A 347 12.21 2.34 -22.59
CA LYS A 347 11.15 2.76 -21.70
C LYS A 347 10.40 1.52 -21.22
N CYS A 348 10.00 1.51 -19.95
CA CYS A 348 9.24 0.40 -19.43
CA CYS A 348 9.22 0.42 -19.40
C CYS A 348 7.88 0.29 -20.12
N SER A 349 7.50 1.34 -20.83
CA SER A 349 6.22 1.45 -21.51
C SER A 349 6.31 1.23 -23.02
N ALA A 350 7.51 1.05 -23.54
CA ALA A 350 7.71 0.96 -24.99
C ALA A 350 7.02 -0.24 -25.65
N CYS A 351 6.40 -0.01 -26.81
CA CYS A 351 5.84 -1.11 -27.57
C CYS A 351 6.95 -2.00 -28.11
N SER A 352 6.90 -3.29 -27.78
CA SER A 352 7.86 -4.24 -28.34
C SER A 352 7.19 -5.42 -29.05
N ARG A 353 5.87 -5.54 -28.92
CA ARG A 353 5.14 -6.54 -29.71
C ARG A 353 3.94 -5.90 -30.38
N LEU A 354 3.88 -6.03 -31.70
CA LEU A 354 2.83 -5.46 -32.51
C LEU A 354 2.02 -6.59 -33.15
N TYR A 355 0.70 -6.54 -33.00
CA TYR A 355 -0.17 -7.58 -33.55
C TYR A 355 -0.98 -6.97 -34.68
N VAL A 356 -0.85 -7.52 -35.89
CA VAL A 356 -1.45 -6.95 -37.09
C VAL A 356 -2.30 -7.99 -37.80
N PRO A 357 -3.51 -7.60 -38.24
CA PRO A 357 -4.32 -8.55 -39.01
C PRO A 357 -3.78 -8.68 -40.43
N LYS A 358 -3.87 -9.88 -40.98
CA LYS A 358 -3.36 -10.16 -42.31
C LYS A 358 -3.83 -9.13 -43.36
N SER A 359 -5.09 -8.70 -43.27
CA SER A 359 -5.63 -7.77 -44.26
C SER A 359 -4.91 -6.42 -44.33
N LEU A 360 -4.32 -5.99 -43.21
CA LEU A 360 -3.64 -4.70 -43.15
C LEU A 360 -2.14 -4.83 -43.25
N TRP A 361 -1.63 -6.05 -43.24
CA TRP A 361 -0.19 -6.24 -43.17
C TRP A 361 0.58 -5.64 -44.36
N PRO A 362 0.13 -5.87 -45.60
CA PRO A 362 0.86 -5.22 -46.69
C PRO A 362 1.01 -3.71 -46.53
N GLN A 363 -0.05 -3.03 -46.09
CA GLN A 363 0.05 -1.61 -45.81
C GLN A 363 1.03 -1.28 -44.69
N ILE A 364 0.88 -1.97 -43.58
CA ILE A 364 1.64 -1.64 -42.38
C ILE A 364 3.10 -2.03 -42.56
N LYS A 365 3.33 -3.20 -43.16
CA LYS A 365 4.69 -3.63 -43.44
C LYS A 365 5.37 -2.62 -44.36
N GLY A 366 4.71 -2.28 -45.47
CA GLY A 366 5.28 -1.35 -46.42
C GLY A 366 5.62 0.01 -45.84
N ARG A 367 4.70 0.55 -45.04
CA ARG A 367 4.89 1.85 -44.42
C ARG A 367 5.94 1.80 -43.31
N LEU A 368 5.92 0.77 -42.48
CA LEU A 368 6.94 0.67 -41.44
C LEU A 368 8.33 0.62 -42.05
N LEU A 369 8.48 -0.18 -43.10
CA LEU A 369 9.81 -0.35 -43.71
C LEU A 369 10.28 0.93 -44.41
N GLU A 370 9.37 1.64 -45.07
CA GLU A 370 9.69 2.91 -45.70
C GLU A 370 10.08 3.98 -44.65
N GLU A 371 9.24 4.16 -43.63
CA GLU A 371 9.56 5.14 -42.60
C GLU A 371 10.86 4.79 -41.86
N HIS A 372 11.08 3.49 -41.65
CA HIS A 372 12.30 3.03 -40.99
C HIS A 372 13.57 3.57 -41.68
N SER A 373 13.54 3.58 -43.01
CA SER A 373 14.70 4.04 -43.76
C SER A 373 14.98 5.53 -43.58
N ARG A 374 13.97 6.28 -43.15
CA ARG A 374 14.06 7.73 -42.96
C ARG A 374 14.45 8.12 -41.52
N ILE A 375 14.48 7.17 -40.62
CA ILE A 375 14.87 7.46 -39.25
C ILE A 375 16.36 7.87 -39.19
N LYS A 376 16.65 8.95 -38.48
CA LYS A 376 18.05 9.34 -38.27
C LYS A 376 18.49 8.94 -36.87
N VAL A 377 19.55 8.13 -36.81
CA VAL A 377 20.20 7.80 -35.54
C VAL A 377 21.54 8.54 -35.48
N GLY A 378 21.75 9.32 -34.44
CA GLY A 378 22.96 10.13 -34.40
C GLY A 378 23.12 10.89 -33.10
N ASP A 379 24.00 11.88 -33.12
CA ASP A 379 24.33 12.71 -31.98
C ASP A 379 23.20 13.73 -31.76
N PRO A 380 22.48 13.64 -30.63
CA PRO A 380 21.29 14.47 -30.42
C PRO A 380 21.65 15.89 -30.04
N ALA A 381 22.87 16.11 -29.59
CA ALA A 381 23.33 17.44 -29.23
C ALA A 381 23.70 18.22 -30.48
N GLU A 382 24.35 17.54 -31.42
CA GLU A 382 24.86 18.21 -32.61
C GLU A 382 23.86 18.22 -33.76
N ASP A 383 22.94 17.26 -33.77
CA ASP A 383 22.00 17.13 -34.88
C ASP A 383 20.58 16.99 -34.34
N PHE A 384 19.84 18.09 -34.32
CA PHE A 384 18.46 18.06 -33.83
C PHE A 384 17.54 17.31 -34.79
N GLY A 385 18.09 16.90 -35.93
CA GLY A 385 17.35 16.06 -36.85
C GLY A 385 17.25 14.62 -36.37
N THR A 386 18.04 14.27 -35.36
CA THR A 386 18.10 12.92 -34.84
C THR A 386 16.78 12.45 -34.24
N PHE A 387 16.29 11.28 -34.64
CA PHE A 387 15.06 10.75 -34.05
C PHE A 387 15.34 10.12 -32.68
N PHE A 388 16.36 9.25 -32.63
CA PHE A 388 16.89 8.74 -31.35
C PHE A 388 18.38 8.48 -31.47
N SER A 389 19.05 8.32 -30.33
CA SER A 389 20.50 8.16 -30.29
C SER A 389 20.94 6.82 -29.72
N ALA A 390 22.22 6.75 -29.35
CA ALA A 390 22.80 5.53 -28.78
C ALA A 390 22.04 5.05 -27.54
N VAL A 391 22.13 3.75 -27.28
CA VAL A 391 21.58 3.19 -26.06
C VAL A 391 22.55 3.51 -24.92
N ILE A 392 22.14 3.22 -23.70
CA ILE A 392 22.72 3.88 -22.53
C ILE A 392 24.16 3.51 -22.20
N ASP A 393 24.51 2.23 -22.33
CA ASP A 393 25.85 1.80 -21.96
C ASP A 393 26.28 0.48 -22.62
N ALA A 394 27.52 0.07 -22.34
CA ALA A 394 28.06 -1.14 -22.96
C ALA A 394 27.26 -2.39 -22.62
N LYS A 395 26.77 -2.47 -21.38
CA LYS A 395 25.97 -3.62 -20.97
C LYS A 395 24.66 -3.69 -21.74
N ALA A 396 23.99 -2.55 -21.91
CA ALA A 396 22.76 -2.52 -22.68
C ALA A 396 23.03 -2.89 -24.14
N PHE A 397 24.11 -2.34 -24.69
CA PHE A 397 24.50 -2.63 -26.07
C PHE A 397 24.69 -4.13 -26.25
N ALA A 398 25.39 -4.75 -25.30
CA ALA A 398 25.65 -6.19 -25.35
C ALA A 398 24.37 -7.01 -25.22
N ARG A 399 23.47 -6.62 -24.32
CA ARG A 399 22.21 -7.34 -24.15
C ARG A 399 21.38 -7.26 -25.43
N ILE A 400 21.31 -6.06 -26.02
CA ILE A 400 20.52 -5.90 -27.22
C ILE A 400 21.12 -6.70 -28.38
N LYS A 401 22.45 -6.73 -28.45
CA LYS A 401 23.11 -7.48 -29.50
C LYS A 401 22.74 -8.96 -29.38
N LYS A 402 22.64 -9.45 -28.14
CA LYS A 402 22.27 -10.86 -27.93
C LYS A 402 20.90 -11.15 -28.53
N TRP A 403 19.97 -10.20 -28.39
CA TRP A 403 18.64 -10.38 -28.95
C TRP A 403 18.64 -10.32 -30.48
N LEU A 404 19.43 -9.42 -31.04
CA LEU A 404 19.58 -9.37 -32.50
C LEU A 404 20.17 -10.67 -33.03
N GLU A 405 21.19 -11.20 -32.34
CA GLU A 405 21.78 -12.48 -32.71
C GLU A 405 20.77 -13.62 -32.64
N HIS A 406 19.90 -13.58 -31.64
CA HIS A 406 18.80 -14.55 -31.53
C HIS A 406 17.86 -14.41 -32.72
N ALA A 407 17.56 -13.17 -33.10
CA ALA A 407 16.65 -12.93 -34.23
C ALA A 407 17.26 -13.39 -35.55
N ARG A 408 18.59 -13.44 -35.60
CA ARG A 408 19.28 -13.97 -36.78
C ARG A 408 19.37 -15.50 -36.76
N SER A 409 18.99 -16.11 -35.64
CA SER A 409 19.12 -17.56 -35.45
C SER A 409 17.80 -18.33 -35.50
N SER A 410 16.78 -17.77 -34.84
CA SER A 410 15.52 -18.47 -34.62
C SER A 410 14.79 -18.79 -35.90
N PRO A 411 14.22 -20.00 -35.98
CA PRO A 411 13.51 -20.45 -37.17
C PRO A 411 12.19 -19.70 -37.40
N SER A 412 11.69 -19.01 -36.39
CA SER A 412 10.40 -18.32 -36.46
CA SER A 412 10.40 -18.33 -36.51
C SER A 412 10.55 -16.82 -36.61
N LEU A 413 11.79 -16.34 -36.60
CA LEU A 413 12.05 -14.91 -36.64
C LEU A 413 12.75 -14.51 -37.92
N SER A 414 12.38 -13.34 -38.44
CA SER A 414 13.05 -12.76 -39.60
CA SER A 414 13.05 -12.76 -39.59
C SER A 414 13.19 -11.25 -39.40
N ILE A 415 14.42 -10.76 -39.53
CA ILE A 415 14.64 -9.32 -39.44
C ILE A 415 14.21 -8.71 -40.77
N LEU A 416 13.23 -7.81 -40.71
CA LEU A 416 12.72 -7.15 -41.92
C LEU A 416 13.51 -5.91 -42.26
N ALA A 417 14.02 -5.23 -41.24
CA ALA A 417 14.76 -3.99 -41.44
C ALA A 417 15.62 -3.70 -40.23
N GLY A 418 16.77 -3.07 -40.46
CA GLY A 418 17.60 -2.65 -39.35
C GLY A 418 18.42 -3.78 -38.76
N GLY A 419 18.81 -3.62 -37.49
CA GLY A 419 19.57 -4.65 -36.84
C GLY A 419 21.06 -4.36 -36.80
N GLN A 420 21.49 -3.31 -37.52
CA GLN A 420 22.90 -2.95 -37.51
C GLN A 420 23.30 -2.31 -36.19
N CYS A 421 24.59 -2.38 -35.87
CA CYS A 421 25.07 -1.80 -34.63
C CYS A 421 26.55 -1.49 -34.74
N ASN A 422 27.00 -0.53 -33.94
CA ASN A 422 28.40 -0.09 -33.99
C ASN A 422 28.71 0.62 -32.69
N GLU A 423 29.65 0.08 -31.92
CA GLU A 423 29.97 0.69 -30.63
C GLU A 423 31.34 1.36 -30.64
N SER A 424 31.85 1.68 -31.82
CA SER A 424 33.17 2.30 -31.91
C SER A 424 33.24 3.71 -31.33
N VAL A 425 32.15 4.47 -31.46
CA VAL A 425 32.13 5.86 -31.02
C VAL A 425 31.09 6.08 -29.91
N GLY A 426 29.89 5.56 -30.15
CA GLY A 426 28.83 5.53 -29.16
C GLY A 426 28.20 4.15 -29.17
N TYR A 427 27.26 3.88 -28.27
CA TYR A 427 26.61 2.56 -28.23
C TYR A 427 25.44 2.56 -29.19
N TYR A 428 25.75 2.59 -30.48
CA TYR A 428 24.70 2.79 -31.47
C TYR A 428 24.07 1.49 -31.96
N VAL A 429 22.76 1.38 -31.78
CA VAL A 429 21.97 0.29 -32.33
C VAL A 429 20.87 0.87 -33.22
N GLU A 430 20.81 0.42 -34.46
CA GLU A 430 19.79 0.90 -35.38
C GLU A 430 18.44 0.34 -34.97
N PRO A 431 17.36 1.07 -35.28
CA PRO A 431 16.04 0.48 -35.01
C PRO A 431 15.91 -0.82 -35.81
N CYS A 432 15.21 -1.78 -35.24
CA CYS A 432 15.11 -3.09 -35.87
C CYS A 432 13.66 -3.54 -35.83
N ILE A 433 13.18 -4.01 -36.98
CA ILE A 433 11.83 -4.54 -37.10
C ILE A 433 11.93 -6.01 -37.48
N ILE A 434 11.30 -6.85 -36.67
CA ILE A 434 11.36 -8.31 -36.82
C ILE A 434 9.94 -8.86 -36.97
N GLU A 435 9.75 -9.83 -37.86
CA GLU A 435 8.50 -10.57 -37.87
C GLU A 435 8.68 -11.91 -37.18
N SER A 436 7.76 -12.26 -36.29
CA SER A 436 7.74 -13.60 -35.71
C SER A 436 6.57 -14.38 -36.24
N LYS A 437 6.81 -15.63 -36.62
CA LYS A 437 5.73 -16.52 -37.03
C LYS A 437 5.14 -17.23 -35.80
N ASP A 438 5.83 -17.10 -34.68
CA ASP A 438 5.42 -17.74 -33.43
C ASP A 438 4.99 -16.68 -32.42
N PRO A 439 3.69 -16.61 -32.11
CA PRO A 439 3.24 -15.55 -31.21
C PRO A 439 3.80 -15.68 -29.79
N GLN A 440 4.37 -16.83 -29.45
CA GLN A 440 4.92 -17.01 -28.11
C GLN A 440 6.42 -17.26 -28.08
N GLU A 441 7.10 -16.84 -29.15
CA GLU A 441 8.57 -16.85 -29.19
C GLU A 441 9.09 -16.07 -27.99
N PRO A 442 10.25 -16.48 -27.46
CA PRO A 442 10.88 -15.72 -26.37
C PRO A 442 10.96 -14.21 -26.65
N ILE A 443 11.17 -13.81 -27.89
CA ILE A 443 11.29 -12.37 -28.19
C ILE A 443 9.94 -11.66 -28.02
N MET A 444 8.85 -12.41 -28.05
CA MET A 444 7.51 -11.86 -27.78
C MET A 444 7.21 -11.73 -26.28
N LYS A 445 8.09 -12.27 -25.44
CA LYS A 445 7.84 -12.41 -24.01
C LYS A 445 8.79 -11.59 -23.12
N GLU A 446 10.06 -11.50 -23.55
CA GLU A 446 11.11 -10.95 -22.71
CA GLU A 446 11.11 -10.94 -22.69
C GLU A 446 11.44 -9.50 -23.03
N GLU A 447 11.58 -8.68 -22.00
CA GLU A 447 11.85 -7.25 -22.17
C GLU A 447 13.29 -7.01 -22.60
N ILE A 448 13.45 -6.37 -23.75
CA ILE A 448 14.78 -6.12 -24.33
C ILE A 448 15.33 -4.75 -23.94
N PHE A 449 14.45 -3.75 -23.80
CA PHE A 449 14.88 -2.38 -23.52
C PHE A 449 15.83 -1.85 -24.59
N GLY A 450 15.47 -2.07 -25.85
CA GLY A 450 16.25 -1.57 -26.96
C GLY A 450 15.30 -1.32 -28.11
N PRO A 451 15.82 -0.80 -29.24
CA PRO A 451 14.94 -0.40 -30.33
C PRO A 451 14.58 -1.58 -31.21
N VAL A 452 13.85 -2.53 -30.62
CA VAL A 452 13.59 -3.82 -31.27
C VAL A 452 12.10 -4.17 -31.22
N LEU A 453 11.46 -4.05 -32.37
CA LEU A 453 10.02 -4.26 -32.50
C LEU A 453 9.77 -5.60 -33.18
N THR A 454 8.97 -6.45 -32.54
CA THR A 454 8.59 -7.73 -33.12
C THR A 454 7.11 -7.69 -33.50
N VAL A 455 6.81 -8.17 -34.71
CA VAL A 455 5.47 -8.10 -35.27
C VAL A 455 4.95 -9.51 -35.48
N TYR A 456 3.71 -9.74 -35.06
CA TYR A 456 3.05 -11.00 -35.32
C TYR A 456 1.80 -10.73 -36.13
N VAL A 457 1.69 -11.41 -37.27
CA VAL A 457 0.56 -11.24 -38.17
C VAL A 457 -0.48 -12.32 -37.93
N TYR A 458 -1.71 -11.92 -37.63
CA TYR A 458 -2.78 -12.87 -37.31
C TYR A 458 -3.90 -12.87 -38.35
N PRO A 459 -4.55 -14.03 -38.55
CA PRO A 459 -5.67 -14.13 -39.49
C PRO A 459 -6.85 -13.29 -39.02
N ASP A 460 -7.42 -12.46 -39.89
CA ASP A 460 -8.51 -11.58 -39.47
C ASP A 460 -9.59 -12.30 -38.66
N ASP A 461 -9.95 -13.50 -39.08
CA ASP A 461 -11.04 -14.21 -38.42
C ASP A 461 -10.66 -14.77 -37.06
N LYS A 462 -9.39 -14.65 -36.69
CA LYS A 462 -8.92 -15.14 -35.41
C LYS A 462 -8.55 -13.99 -34.47
N TYR A 463 -9.22 -12.85 -34.62
CA TYR A 463 -8.88 -11.70 -33.81
C TYR A 463 -9.15 -11.94 -32.34
N ARG A 464 -10.22 -12.67 -32.03
CA ARG A 464 -10.55 -12.91 -30.62
C ARG A 464 -9.53 -13.83 -29.99
N GLU A 465 -9.20 -14.90 -30.70
CA GLU A 465 -8.18 -15.83 -30.24
C GLU A 465 -6.87 -15.08 -30.02
N THR A 466 -6.59 -14.12 -30.89
CA THR A 466 -5.34 -13.36 -30.79
C THR A 466 -5.37 -12.39 -29.60
N LEU A 467 -6.51 -11.77 -29.35
CA LEU A 467 -6.65 -10.94 -28.15
C LEU A 467 -6.33 -11.76 -26.89
N LYS A 468 -6.79 -13.01 -26.87
CA LYS A 468 -6.48 -13.89 -25.75
C LYS A 468 -4.97 -14.10 -25.62
N LEU A 469 -4.29 -14.27 -26.76
CA LEU A 469 -2.84 -14.38 -26.77
C LEU A 469 -2.16 -13.12 -26.25
N VAL A 470 -2.69 -11.94 -26.60
CA VAL A 470 -2.10 -10.70 -26.08
C VAL A 470 -2.07 -10.75 -24.56
N ASP A 471 -3.18 -11.19 -23.99
CA ASP A 471 -3.34 -11.27 -22.54
C ASP A 471 -2.48 -12.35 -21.86
N SER A 472 -2.31 -13.50 -22.53
CA SER A 472 -1.74 -14.68 -21.88
C SER A 472 -0.26 -14.93 -22.15
N THR A 473 0.29 -14.24 -23.14
CA THR A 473 1.64 -14.58 -23.60
C THR A 473 2.78 -14.24 -22.64
N THR A 474 2.71 -13.08 -21.99
CA THR A 474 3.84 -12.59 -21.21
C THR A 474 3.51 -12.58 -19.73
N SER A 475 4.52 -12.28 -18.92
CA SER A 475 4.35 -12.20 -17.47
CA SER A 475 4.31 -12.21 -17.48
C SER A 475 3.99 -10.79 -17.02
N TYR A 476 3.90 -9.87 -17.97
CA TYR A 476 3.81 -8.44 -17.64
C TYR A 476 2.42 -7.82 -17.77
N GLY A 477 2.25 -6.63 -17.18
CA GLY A 477 0.94 -5.99 -17.19
C GLY A 477 0.98 -4.48 -17.21
N LEU A 478 1.94 -3.92 -17.95
CA LEU A 478 2.21 -2.48 -17.84
C LEU A 478 1.44 -1.62 -18.82
N THR A 479 1.88 -1.53 -20.08
CA THR A 479 1.11 -0.74 -21.05
C THR A 479 0.66 -1.55 -22.25
N GLY A 480 -0.34 -1.03 -22.94
CA GLY A 480 -0.81 -1.64 -24.17
C GLY A 480 -1.77 -0.71 -24.85
N ALA A 481 -1.89 -0.84 -26.17
CA ALA A 481 -2.79 -0.01 -26.94
C ALA A 481 -3.59 -0.88 -27.90
N VAL A 482 -4.84 -0.49 -28.14
CA VAL A 482 -5.65 -1.09 -29.21
C VAL A 482 -5.96 -0.01 -30.22
N PHE A 483 -5.69 -0.30 -31.49
CA PHE A 483 -6.05 0.62 -32.57
C PHE A 483 -7.24 0.00 -33.31
N ALA A 484 -8.36 0.71 -33.29
CA ALA A 484 -9.60 0.25 -33.91
C ALA A 484 -10.58 1.40 -34.01
N GLN A 485 -11.41 1.40 -35.03
CA GLN A 485 -12.44 2.44 -35.16
C GLN A 485 -13.85 1.89 -35.01
N ASP A 486 -13.92 0.63 -34.60
CA ASP A 486 -15.18 -0.07 -34.42
C ASP A 486 -15.50 -0.11 -32.92
N LYS A 487 -16.59 0.55 -32.53
CA LYS A 487 -16.92 0.70 -31.12
C LYS A 487 -17.09 -0.62 -30.38
N ALA A 488 -17.78 -1.58 -31.00
CA ALA A 488 -18.00 -2.87 -30.36
C ALA A 488 -16.68 -3.61 -30.14
N ILE A 489 -15.78 -3.51 -31.11
CA ILE A 489 -14.44 -4.09 -30.98
C ILE A 489 -13.67 -3.47 -29.83
N VAL A 490 -13.73 -2.15 -29.73
CA VAL A 490 -13.02 -1.45 -28.66
C VAL A 490 -13.58 -1.87 -27.30
N GLN A 491 -14.90 -1.98 -27.21
CA GLN A 491 -15.53 -2.41 -25.95
C GLN A 491 -15.09 -3.82 -25.57
N GLU A 492 -15.08 -4.73 -26.55
CA GLU A 492 -14.70 -6.11 -26.30
C GLU A 492 -13.24 -6.22 -25.91
N ALA A 493 -12.38 -5.57 -26.69
CA ALA A 493 -10.95 -5.59 -26.42
C ALA A 493 -10.65 -4.99 -25.05
N THR A 494 -11.36 -3.92 -24.69
CA THR A 494 -11.12 -3.28 -23.39
C THR A 494 -11.39 -4.25 -22.24
N ARG A 495 -12.51 -4.97 -22.33
CA ARG A 495 -12.85 -5.96 -21.32
C ARG A 495 -11.82 -7.10 -21.26
N MET A 496 -11.43 -7.62 -22.42
CA MET A 496 -10.55 -8.79 -22.48
C MET A 496 -9.14 -8.48 -22.00
N LEU A 497 -8.73 -7.23 -22.16
CA LEU A 497 -7.36 -6.84 -21.81
C LEU A 497 -7.29 -6.10 -20.48
N ARG A 498 -8.37 -6.17 -19.69
CA ARG A 498 -8.47 -5.46 -18.41
C ARG A 498 -7.24 -5.57 -17.52
N ASN A 499 -6.62 -6.74 -17.46
CA ASN A 499 -5.45 -6.94 -16.61
C ASN A 499 -4.15 -7.14 -17.38
N ALA A 500 -4.21 -6.95 -18.69
CA ALA A 500 -3.02 -7.04 -19.52
C ALA A 500 -2.23 -5.72 -19.54
N ALA A 501 -2.86 -4.65 -19.07
CA ALA A 501 -2.22 -3.34 -19.08
C ALA A 501 -2.80 -2.45 -17.99
N GLY A 502 -1.95 -1.84 -17.18
CA GLY A 502 -2.40 -0.88 -16.17
C GLY A 502 -2.53 0.51 -16.76
N ASN A 503 -1.84 0.74 -17.89
CA ASN A 503 -2.05 1.94 -18.67
C ASN A 503 -2.45 1.48 -20.06
N PHE A 504 -3.73 1.66 -20.37
CA PHE A 504 -4.31 1.10 -21.57
C PHE A 504 -4.72 2.25 -22.49
N TYR A 505 -4.40 2.11 -23.77
CA TYR A 505 -4.58 3.19 -24.73
C TYR A 505 -5.47 2.76 -25.89
N ILE A 506 -6.44 3.61 -26.23
CA ILE A 506 -7.26 3.38 -27.40
C ILE A 506 -6.90 4.41 -28.46
N ASN A 507 -6.39 3.94 -29.58
CA ASN A 507 -5.95 4.80 -30.66
C ASN A 507 -4.88 5.83 -30.26
N ASP A 508 -3.99 5.40 -29.37
CA ASP A 508 -2.81 6.19 -29.09
C ASP A 508 -1.66 5.25 -28.77
N LYS A 509 -0.45 5.79 -28.77
CA LYS A 509 0.72 4.97 -28.48
C LYS A 509 0.83 4.62 -27.01
N SER A 510 1.57 3.55 -26.72
CA SER A 510 1.63 2.99 -25.37
C SER A 510 2.60 3.71 -24.44
N THR A 511 3.30 4.73 -24.95
CA THR A 511 4.23 5.49 -24.12
C THR A 511 3.72 6.91 -23.88
N GLY A 512 4.38 7.63 -22.98
CA GLY A 512 4.15 9.05 -22.84
C GLY A 512 3.06 9.44 -21.85
N SER A 513 2.93 8.68 -20.78
CA SER A 513 1.98 9.02 -19.73
C SER A 513 2.29 10.40 -19.17
N VAL A 514 1.23 11.15 -18.87
CA VAL A 514 1.39 12.51 -18.35
C VAL A 514 0.82 12.59 -16.95
N VAL A 515 1.60 13.17 -16.05
CA VAL A 515 1.21 13.29 -14.65
C VAL A 515 -0.15 13.97 -14.53
N GLY A 516 -1.02 13.39 -13.71
CA GLY A 516 -2.33 13.96 -13.47
C GLY A 516 -3.37 13.57 -14.53
N GLN A 517 -2.89 12.99 -15.63
CA GLN A 517 -3.74 12.62 -16.75
C GLN A 517 -3.76 11.10 -16.93
N GLN A 518 -2.57 10.49 -16.96
CA GLN A 518 -2.48 9.03 -16.97
C GLN A 518 -1.54 8.57 -15.86
N PRO A 519 -2.03 8.51 -14.63
CA PRO A 519 -1.20 7.96 -13.55
C PRO A 519 -0.65 6.61 -14.02
N PHE A 520 0.61 6.34 -13.70
CA PHE A 520 1.36 5.29 -14.39
C PHE A 520 1.69 4.09 -13.53
N GLY A 521 1.48 2.91 -14.10
CA GLY A 521 1.81 1.68 -13.40
C GLY A 521 0.93 0.50 -13.78
N GLY A 522 1.43 -0.70 -13.52
CA GLY A 522 0.64 -1.89 -13.80
C GLY A 522 1.01 -3.03 -12.87
N ALA A 523 0.20 -4.09 -12.90
CA ALA A 523 0.40 -5.23 -12.03
C ALA A 523 1.02 -6.43 -12.77
N ARG A 524 0.54 -7.64 -12.48
CA ARG A 524 1.29 -8.84 -12.87
C ARG A 524 2.77 -8.67 -12.50
N ALA A 525 3.71 -9.00 -13.37
CA ALA A 525 5.13 -8.86 -12.96
C ALA A 525 5.67 -7.44 -13.02
N SER A 526 4.84 -6.49 -13.45
CA SER A 526 5.29 -5.12 -13.69
C SER A 526 5.45 -4.27 -12.42
N GLY A 527 5.04 -4.80 -11.28
CA GLY A 527 5.31 -4.15 -10.01
C GLY A 527 4.13 -4.09 -9.07
N THR A 528 4.23 -3.20 -8.09
CA THR A 528 3.22 -3.07 -7.05
C THR A 528 2.08 -2.13 -7.44
N ASN A 529 2.22 -1.45 -8.57
CA ASN A 529 1.19 -0.55 -9.11
C ASN A 529 0.70 0.53 -8.13
N ASP A 530 1.60 1.39 -7.66
CA ASP A 530 1.19 2.46 -6.74
C ASP A 530 0.76 3.74 -7.44
N LYS A 531 0.77 3.72 -8.77
CA LYS A 531 0.29 4.83 -9.60
C LYS A 531 0.88 6.20 -9.28
N PRO A 532 2.21 6.30 -9.33
CA PRO A 532 2.83 7.63 -9.31
C PRO A 532 2.26 8.43 -10.48
N GLY A 533 2.01 9.72 -10.26
CA GLY A 533 1.32 10.54 -11.23
C GLY A 533 -0.16 10.73 -10.93
N GLY A 534 -0.68 9.93 -10.00
CA GLY A 534 -2.03 10.10 -9.51
C GLY A 534 -2.07 10.50 -8.05
N PRO A 535 -3.28 10.69 -7.51
CA PRO A 535 -3.50 11.30 -6.20
C PRO A 535 -3.24 10.37 -5.00
N HIS A 536 -3.12 9.07 -5.25
CA HIS A 536 -3.02 8.12 -4.16
C HIS A 536 -1.60 7.67 -3.86
N TYR A 537 -0.66 7.98 -4.76
CA TYR A 537 0.72 7.52 -4.61
C TYR A 537 1.33 7.94 -3.29
N ILE A 538 1.08 9.19 -2.89
CA ILE A 538 1.69 9.69 -1.66
C ILE A 538 1.22 8.93 -0.43
N LEU A 539 0.07 8.25 -0.51
CA LEU A 539 -0.44 7.50 0.65
C LEU A 539 0.51 6.38 1.06
N ARG A 540 1.33 5.89 0.13
CA ARG A 540 2.29 4.86 0.49
C ARG A 540 3.38 5.41 1.41
N TRP A 541 3.54 6.73 1.43
CA TRP A 541 4.65 7.34 2.18
C TRP A 541 4.21 8.08 3.45
N THR A 542 2.97 7.85 3.86
CA THR A 542 2.50 8.37 5.13
C THR A 542 1.90 7.24 5.94
N SER A 543 2.09 7.31 7.25
CA SER A 543 1.48 6.33 8.16
C SER A 543 0.63 7.15 9.13
N PRO A 544 -0.68 7.23 8.88
CA PRO A 544 -1.49 8.23 9.61
C PRO A 544 -1.66 7.94 11.10
N GLN A 545 -1.77 9.00 11.88
CA GLN A 545 -2.13 8.93 13.29
C GLN A 545 -3.44 9.65 13.42
N VAL A 546 -4.37 9.10 14.22
CA VAL A 546 -5.61 9.81 14.48
C VAL A 546 -5.62 10.24 15.93
N ILE A 547 -5.87 11.53 16.15
CA ILE A 547 -5.93 12.07 17.50
C ILE A 547 -7.37 12.41 17.86
N LYS A 548 -7.83 11.85 18.96
CA LYS A 548 -9.14 12.18 19.51
C LYS A 548 -8.95 12.94 20.80
N GLU A 549 -9.47 14.16 20.86
CA GLU A 549 -9.48 14.93 22.11
C GLU A 549 -10.91 15.07 22.62
N THR A 550 -11.09 14.74 23.89
CA THR A 550 -12.40 14.79 24.51
C THR A 550 -12.42 15.96 25.49
N HIS A 551 -13.45 16.79 25.38
CA HIS A 551 -13.45 18.09 26.05
C HIS A 551 -14.31 18.13 27.32
N LYS A 552 -14.82 16.97 27.73
CA LYS A 552 -15.61 16.87 28.95
C LYS A 552 -15.09 15.70 29.78
N PRO A 553 -15.21 15.79 31.11
CA PRO A 553 -14.84 14.66 31.98
C PRO A 553 -15.58 13.39 31.59
N LEU A 554 -14.99 12.24 31.86
CA LEU A 554 -15.53 10.97 31.36
C LEU A 554 -16.74 10.43 32.10
N GLY A 555 -16.76 10.56 33.42
CA GLY A 555 -17.86 10.02 34.20
C GLY A 555 -17.66 8.55 34.58
N ASP A 556 -18.74 7.90 35.02
CA ASP A 556 -18.63 6.56 35.59
C ASP A 556 -18.21 5.50 34.57
N TRP A 557 -17.50 4.47 35.04
CA TRP A 557 -17.08 3.38 34.17
C TRP A 557 -18.22 2.38 33.95
N ARG A 558 -19.22 2.42 34.81
CA ARG A 558 -20.37 1.56 34.67
C ARG A 558 -21.25 2.03 33.52
N TYR A 559 -22.18 1.17 33.10
CA TYR A 559 -23.13 1.53 32.06
C TYR A 559 -24.54 1.44 32.62
N SER A 560 -25.44 2.29 32.11
CA SER A 560 -26.80 2.36 32.65
C SER A 560 -27.54 1.03 32.61
N TYR A 561 -27.31 0.24 31.55
CA TYR A 561 -28.03 -1.02 31.38
C TYR A 561 -27.64 -2.03 32.47
N MET A 562 -26.52 -1.80 33.14
CA MET A 562 -26.00 -2.73 34.15
C MET A 562 -26.75 -2.59 35.47
N GLN A 563 -27.49 -1.50 35.62
CA GLN A 563 -28.20 -1.21 36.85
C GLN A 563 -29.53 -1.95 36.89
N HIS B 20 -16.41 9.42 -29.27
CA HIS B 20 -16.05 8.68 -28.07
C HIS B 20 -16.62 7.26 -28.10
N MET B 21 -15.74 6.27 -28.14
CA MET B 21 -16.18 4.88 -28.16
C MET B 21 -16.40 4.32 -26.76
N LEU B 22 -15.66 4.83 -25.79
CA LEU B 22 -15.91 4.48 -24.39
C LEU B 22 -16.79 5.53 -23.73
N ARG B 23 -17.95 5.09 -23.26
CA ARG B 23 -18.89 5.97 -22.56
C ARG B 23 -18.86 5.66 -21.07
N TRP B 24 -18.55 6.68 -20.27
CA TRP B 24 -18.43 6.51 -18.83
C TRP B 24 -19.62 7.13 -18.11
N LYS B 25 -20.40 6.30 -17.43
CA LYS B 25 -21.58 6.75 -16.70
C LYS B 25 -21.18 7.57 -15.49
N HIS B 26 -21.93 8.62 -15.21
CA HIS B 26 -21.67 9.46 -14.04
C HIS B 26 -21.80 8.64 -12.77
N THR B 27 -21.08 9.04 -11.73
CA THR B 27 -21.13 8.33 -10.46
C THR B 27 -21.88 9.15 -9.42
N SER B 28 -22.62 8.46 -8.55
CA SER B 28 -23.44 9.11 -7.55
C SER B 28 -22.74 9.15 -6.18
N SER B 29 -23.40 9.78 -5.22
CA SER B 29 -22.87 9.87 -3.88
C SER B 29 -23.77 9.07 -2.94
N LEU B 30 -23.32 8.87 -1.72
CA LEU B 30 -24.06 8.05 -0.76
C LEU B 30 -24.03 8.72 0.60
N LYS B 31 -25.20 8.83 1.23
CA LYS B 31 -25.27 9.41 2.56
C LYS B 31 -25.34 8.33 3.63
N VAL B 32 -24.32 8.28 4.49
CA VAL B 32 -24.36 7.36 5.62
C VAL B 32 -23.93 8.08 6.89
N ALA B 33 -24.34 7.52 8.02
CA ALA B 33 -23.95 8.04 9.32
C ALA B 33 -23.71 6.85 10.23
N ASN B 34 -23.03 7.09 11.34
CA ASN B 34 -22.76 6.02 12.29
C ASN B 34 -24.04 5.39 12.84
N GLU B 35 -23.99 4.07 13.02
CA GLU B 35 -25.11 3.36 13.61
C GLU B 35 -25.27 3.75 15.07
N PRO B 36 -26.47 4.18 15.46
CA PRO B 36 -26.67 4.54 16.87
C PRO B 36 -26.50 3.34 17.82
N ILE B 37 -25.84 3.60 18.94
CA ILE B 37 -25.71 2.63 20.01
C ILE B 37 -27.00 2.61 20.81
N LEU B 38 -27.53 1.41 21.03
CA LEU B 38 -28.76 1.23 21.79
C LEU B 38 -28.48 1.18 23.30
N ALA B 39 -29.51 1.42 24.09
CA ALA B 39 -29.35 1.60 25.54
C ALA B 39 -29.66 0.34 26.34
N PHE B 40 -30.47 -0.54 25.78
CA PHE B 40 -30.86 -1.78 26.46
C PHE B 40 -31.38 -1.52 27.87
N SER B 41 -32.20 -0.49 28.00
CA SER B 41 -32.86 -0.22 29.28
C SER B 41 -33.93 -1.26 29.58
N GLN B 42 -34.28 -1.42 30.85
CA GLN B 42 -35.29 -2.40 31.24
C GLN B 42 -36.60 -2.16 30.49
N GLY B 43 -37.16 -3.24 29.95
CA GLY B 43 -38.44 -3.17 29.25
C GLY B 43 -38.33 -2.72 27.81
N SER B 44 -37.12 -2.37 27.38
CA SER B 44 -36.91 -1.90 26.01
C SER B 44 -37.01 -3.06 25.02
N PRO B 45 -37.45 -2.77 23.79
CA PRO B 45 -37.59 -3.83 22.80
C PRO B 45 -36.26 -4.52 22.51
N GLU B 46 -35.16 -3.76 22.45
CA GLU B 46 -33.86 -4.37 22.16
C GLU B 46 -33.38 -5.27 23.31
N ARG B 47 -33.67 -4.89 24.55
CA ARG B 47 -33.32 -5.74 25.67
C ARG B 47 -34.15 -7.04 25.66
N ASP B 48 -35.44 -6.92 25.40
CA ASP B 48 -36.28 -8.11 25.30
C ASP B 48 -35.82 -9.01 24.15
N ALA B 49 -35.49 -8.39 23.03
CA ALA B 49 -35.05 -9.15 21.86
C ALA B 49 -33.74 -9.88 22.14
N LEU B 50 -32.83 -9.21 22.86
CA LEU B 50 -31.53 -9.80 23.16
C LEU B 50 -31.69 -10.96 24.13
N GLN B 51 -32.54 -10.78 25.13
CA GLN B 51 -32.77 -11.86 26.08
C GLN B 51 -33.36 -13.09 25.38
N LYS B 52 -34.23 -12.86 24.40
CA LYS B 52 -34.81 -13.94 23.62
C LYS B 52 -33.73 -14.64 22.79
N ALA B 53 -32.88 -13.84 22.16
CA ALA B 53 -31.79 -14.39 21.35
C ALA B 53 -30.81 -15.17 22.22
N LEU B 54 -30.59 -14.73 23.45
CA LEU B 54 -29.72 -15.46 24.37
C LEU B 54 -30.34 -16.79 24.77
N LYS B 55 -31.65 -16.77 25.02
CA LYS B 55 -32.40 -17.98 25.35
C LYS B 55 -32.34 -18.98 24.19
N ASP B 56 -32.39 -18.44 22.96
CA ASP B 56 -32.31 -19.22 21.73
C ASP B 56 -31.00 -20.01 21.61
N LEU B 57 -29.96 -19.57 22.31
CA LEU B 57 -28.66 -20.22 22.24
C LEU B 57 -28.37 -21.14 23.41
N LYS B 58 -29.13 -20.99 24.49
CA LYS B 58 -28.88 -21.77 25.70
C LYS B 58 -29.05 -23.24 25.39
N GLY B 59 -28.03 -24.03 25.66
CA GLY B 59 -28.10 -25.46 25.44
C GLY B 59 -27.95 -25.87 23.98
N GLN B 60 -27.69 -24.91 23.09
CA GLN B 60 -27.60 -25.21 21.67
C GLN B 60 -26.17 -25.34 21.16
N THR B 61 -25.97 -26.29 20.24
CA THR B 61 -24.72 -26.39 19.49
C THR B 61 -25.04 -26.31 18.00
N GLU B 62 -24.47 -25.31 17.31
CA GLU B 62 -24.65 -25.21 15.86
C GLU B 62 -23.56 -25.98 15.12
N ALA B 63 -23.95 -26.81 14.16
CA ALA B 63 -22.98 -27.50 13.32
C ALA B 63 -22.74 -26.59 12.12
N ILE B 64 -21.56 -25.99 12.08
CA ILE B 64 -21.19 -25.00 11.08
C ILE B 64 -20.23 -25.60 10.06
N PRO B 65 -20.68 -25.72 8.80
CA PRO B 65 -19.86 -26.34 7.76
C PRO B 65 -18.88 -25.36 7.15
N CYS B 66 -17.92 -25.86 6.40
CA CYS B 66 -17.22 -25.00 5.45
C CYS B 66 -18.22 -24.72 4.33
N VAL B 67 -18.15 -23.53 3.74
CA VAL B 67 -18.98 -23.23 2.59
C VAL B 67 -18.13 -22.82 1.42
N VAL B 68 -18.25 -23.59 0.34
CA VAL B 68 -17.56 -23.29 -0.90
C VAL B 68 -18.61 -23.15 -1.99
N GLY B 69 -18.70 -21.95 -2.58
CA GLY B 69 -19.85 -21.62 -3.42
C GLY B 69 -21.09 -21.64 -2.55
N ASP B 70 -22.03 -22.54 -2.86
CA ASP B 70 -23.22 -22.73 -2.03
C ASP B 70 -23.22 -24.10 -1.34
N GLU B 71 -22.11 -24.80 -1.46
CA GLU B 71 -22.00 -26.17 -0.97
C GLU B 71 -21.51 -26.19 0.47
N GLU B 72 -22.24 -26.90 1.33
CA GLU B 72 -21.83 -27.07 2.72
C GLU B 72 -20.97 -28.33 2.80
N VAL B 73 -19.73 -28.16 3.23
CA VAL B 73 -18.78 -29.27 3.24
C VAL B 73 -18.26 -29.60 4.62
N TRP B 74 -18.20 -30.90 4.91
CA TRP B 74 -17.62 -31.40 6.15
C TRP B 74 -16.38 -32.23 5.88
N THR B 75 -15.36 -32.01 6.69
CA THR B 75 -14.18 -32.84 6.70
C THR B 75 -14.16 -33.62 8.01
N SER B 76 -13.15 -34.49 8.17
CA SER B 76 -13.04 -35.30 9.38
C SER B 76 -12.42 -34.53 10.54
N ASP B 77 -11.89 -33.34 10.27
CA ASP B 77 -11.19 -32.59 11.31
C ASP B 77 -12.18 -31.75 12.10
N ILE B 78 -12.95 -32.44 12.94
CA ILE B 78 -14.02 -31.83 13.72
C ILE B 78 -13.46 -31.01 14.89
N GLN B 79 -14.01 -29.81 15.08
CA GLN B 79 -13.55 -28.90 16.13
C GLN B 79 -14.75 -28.32 16.85
N TYR B 80 -14.54 -27.89 18.09
CA TYR B 80 -15.63 -27.28 18.86
C TYR B 80 -15.25 -25.90 19.37
N GLN B 81 -16.22 -25.00 19.36
CA GLN B 81 -16.10 -23.70 20.01
C GLN B 81 -16.85 -23.79 21.33
N LEU B 82 -16.20 -23.34 22.41
CA LEU B 82 -16.79 -23.42 23.75
C LEU B 82 -17.20 -22.03 24.22
N SER B 83 -18.22 -21.97 25.07
CA SER B 83 -18.59 -20.69 25.67
C SER B 83 -17.56 -20.35 26.76
N PRO B 84 -16.88 -19.19 26.66
CA PRO B 84 -15.77 -18.92 27.58
C PRO B 84 -16.17 -18.96 29.04
N PHE B 85 -17.40 -18.54 29.36
CA PHE B 85 -17.85 -18.48 30.75
C PHE B 85 -18.55 -19.76 31.21
N ASN B 86 -18.73 -20.70 30.30
CA ASN B 86 -19.31 -22.00 30.63
C ASN B 86 -18.81 -23.02 29.63
N HIS B 87 -17.57 -23.48 29.82
CA HIS B 87 -16.88 -24.20 28.76
C HIS B 87 -17.43 -25.60 28.54
N ALA B 88 -18.32 -26.03 29.42
CA ALA B 88 -19.08 -27.26 29.20
C ALA B 88 -20.04 -27.10 28.02
N HIS B 89 -20.36 -25.84 27.70
CA HIS B 89 -21.27 -25.55 26.59
C HIS B 89 -20.50 -25.42 25.30
N LYS B 90 -20.64 -26.40 24.42
CA LYS B 90 -20.05 -26.31 23.09
C LYS B 90 -21.05 -25.54 22.24
N VAL B 91 -20.71 -24.30 21.89
CA VAL B 91 -21.67 -23.46 21.17
C VAL B 91 -21.69 -23.80 19.69
N ALA B 92 -20.61 -24.37 19.18
CA ALA B 92 -20.56 -24.75 17.77
C ALA B 92 -19.65 -25.95 17.56
N LYS B 93 -20.04 -26.76 16.58
CA LYS B 93 -19.19 -27.80 16.06
C LYS B 93 -18.87 -27.39 14.65
N PHE B 94 -17.59 -27.35 14.30
CA PHE B 94 -17.21 -26.95 12.95
C PHE B 94 -16.11 -27.87 12.46
N CYS B 95 -15.54 -27.60 11.29
CA CYS B 95 -14.43 -28.42 10.86
C CYS B 95 -13.38 -27.61 10.13
N TYR B 96 -12.16 -28.13 10.11
CA TYR B 96 -11.08 -27.47 9.38
C TYR B 96 -11.09 -27.95 7.94
N ALA B 97 -11.11 -27.02 7.01
CA ALA B 97 -10.95 -27.36 5.60
C ALA B 97 -9.60 -28.02 5.40
N ASP B 98 -9.57 -29.10 4.61
CA ASP B 98 -8.28 -29.68 4.26
C ASP B 98 -7.66 -28.96 3.06
N LYS B 99 -6.45 -29.34 2.71
CA LYS B 99 -5.74 -28.62 1.64
C LYS B 99 -6.49 -28.80 0.33
N ALA B 100 -7.08 -29.98 0.12
CA ALA B 100 -7.86 -30.20 -1.09
C ALA B 100 -9.03 -29.23 -1.17
N LEU B 101 -9.76 -29.07 -0.07
CA LEU B 101 -10.91 -28.20 -0.06
C LEU B 101 -10.51 -26.74 -0.24
N LEU B 102 -9.41 -26.34 0.41
CA LEU B 102 -8.91 -24.98 0.26
C LEU B 102 -8.54 -24.72 -1.20
N ASN B 103 -7.87 -25.68 -1.83
CA ASN B 103 -7.52 -25.50 -3.23
C ASN B 103 -8.75 -25.46 -4.16
N ARG B 104 -9.75 -26.28 -3.84
CA ARG B 104 -10.99 -26.26 -4.60
C ARG B 104 -11.70 -24.91 -4.42
N ALA B 105 -11.63 -24.37 -3.20
CA ALA B 105 -12.23 -23.07 -2.90
C ALA B 105 -11.54 -21.98 -3.71
N ILE B 106 -10.22 -22.04 -3.78
CA ILE B 106 -9.46 -21.11 -4.61
C ILE B 106 -9.91 -21.20 -6.07
N ASP B 107 -9.95 -22.41 -6.60
CA ASP B 107 -10.30 -22.58 -8.02
C ASP B 107 -11.66 -21.97 -8.31
N ALA B 108 -12.63 -22.25 -7.45
CA ALA B 108 -14.00 -21.77 -7.67
C ALA B 108 -14.11 -20.25 -7.52
N ALA B 109 -13.38 -19.69 -6.55
CA ALA B 109 -13.35 -18.24 -6.38
C ALA B 109 -12.78 -17.58 -7.62
N LEU B 110 -11.65 -18.10 -8.10
CA LEU B 110 -11.01 -17.55 -9.29
C LEU B 110 -11.95 -17.59 -10.49
N ALA B 111 -12.75 -18.64 -10.60
CA ALA B 111 -13.66 -18.80 -11.73
C ALA B 111 -14.84 -17.84 -11.66
N ALA B 112 -15.07 -17.29 -10.46
CA ALA B 112 -16.17 -16.36 -10.25
C ALA B 112 -15.70 -14.91 -10.32
N ARG B 113 -14.39 -14.72 -10.31
CA ARG B 113 -13.85 -13.38 -10.04
C ARG B 113 -14.12 -12.36 -11.14
N LYS B 114 -13.92 -12.72 -12.40
CA LYS B 114 -14.03 -11.72 -13.47
C LYS B 114 -15.42 -11.08 -13.53
N GLU B 115 -16.45 -11.90 -13.43
CA GLU B 115 -17.82 -11.39 -13.41
C GLU B 115 -18.04 -10.42 -12.24
N TRP B 116 -17.56 -10.78 -11.06
CA TRP B 116 -17.76 -9.96 -9.87
C TRP B 116 -17.00 -8.63 -9.98
N ASP B 117 -15.77 -8.70 -10.47
CA ASP B 117 -14.94 -7.51 -10.69
C ASP B 117 -15.61 -6.57 -11.71
N LEU B 118 -16.26 -7.12 -12.72
CA LEU B 118 -16.91 -6.31 -13.76
C LEU B 118 -18.24 -5.70 -13.32
N LYS B 119 -18.80 -6.20 -12.21
CA LYS B 119 -20.01 -5.60 -11.64
C LYS B 119 -19.74 -4.15 -11.27
N PRO B 120 -20.72 -3.27 -11.52
CA PRO B 120 -20.53 -1.88 -11.08
C PRO B 120 -20.27 -1.80 -9.58
N MET B 121 -19.39 -0.89 -9.17
CA MET B 121 -19.10 -0.73 -7.74
C MET B 121 -20.38 -0.57 -6.93
N ALA B 122 -21.32 0.20 -7.47
CA ALA B 122 -22.57 0.47 -6.78
C ALA B 122 -23.36 -0.80 -6.51
N ASP B 123 -23.26 -1.77 -7.41
CA ASP B 123 -24.01 -3.02 -7.26
C ASP B 123 -23.39 -3.88 -6.16
N ARG B 124 -22.07 -3.88 -6.10
CA ARG B 124 -21.37 -4.59 -5.04
C ARG B 124 -21.67 -3.93 -3.69
N ALA B 125 -21.66 -2.60 -3.69
CA ALA B 125 -21.92 -1.85 -2.45
C ALA B 125 -23.30 -2.17 -1.88
N GLN B 126 -24.28 -2.35 -2.78
CA GLN B 126 -25.65 -2.64 -2.36
C GLN B 126 -25.75 -3.89 -1.47
N VAL B 127 -24.92 -4.90 -1.73
CA VAL B 127 -24.92 -6.11 -0.93
C VAL B 127 -24.57 -5.75 0.51
N PHE B 128 -23.54 -4.93 0.67
CA PHE B 128 -23.10 -4.57 2.02
C PHE B 128 -24.04 -3.61 2.73
N LEU B 129 -24.69 -2.73 1.98
CA LEU B 129 -25.69 -1.84 2.55
C LEU B 129 -26.93 -2.63 3.02
N LYS B 130 -27.32 -3.64 2.24
CA LYS B 130 -28.41 -4.53 2.64
C LYS B 130 -28.04 -5.30 3.91
N ALA B 131 -26.83 -5.84 3.93
CA ALA B 131 -26.35 -6.58 5.10
C ALA B 131 -26.32 -5.71 6.34
N ALA B 132 -25.82 -4.48 6.17
CA ALA B 132 -25.81 -3.51 7.27
C ALA B 132 -27.21 -3.28 7.83
N ASP B 133 -28.20 -3.11 6.97
CA ASP B 133 -29.57 -2.92 7.43
C ASP B 133 -30.12 -4.15 8.17
N MET B 134 -29.79 -5.35 7.68
CA MET B 134 -30.22 -6.58 8.36
C MET B 134 -29.61 -6.64 9.76
N LEU B 135 -28.31 -6.37 9.85
CA LEU B 135 -27.65 -6.38 11.15
C LEU B 135 -28.21 -5.33 12.09
N SER B 136 -28.56 -4.17 11.55
CA SER B 136 -29.09 -3.07 12.36
C SER B 136 -30.42 -3.44 12.98
N GLY B 137 -31.27 -4.08 12.19
CA GLY B 137 -32.62 -4.40 12.62
C GLY B 137 -32.85 -5.85 13.01
N PRO B 138 -33.37 -6.65 12.08
CA PRO B 138 -33.88 -7.98 12.41
C PRO B 138 -32.83 -8.98 12.89
N ARG B 139 -31.57 -8.79 12.53
CA ARG B 139 -30.53 -9.73 12.92
C ARG B 139 -29.67 -9.23 14.08
N ARG B 140 -29.97 -8.04 14.61
CA ARG B 140 -29.12 -7.46 15.64
C ARG B 140 -29.03 -8.34 16.88
N ALA B 141 -30.17 -8.76 17.40
CA ALA B 141 -30.19 -9.58 18.60
C ALA B 141 -29.39 -10.87 18.39
N GLU B 142 -29.53 -11.45 17.20
CA GLU B 142 -28.81 -12.68 16.89
C GLU B 142 -27.28 -12.52 16.96
N VAL B 143 -26.74 -11.54 16.25
CA VAL B 143 -25.29 -11.41 16.22
C VAL B 143 -24.74 -10.95 17.56
N LEU B 144 -25.51 -10.14 18.29
CA LEU B 144 -25.12 -9.75 19.64
C LEU B 144 -25.04 -10.99 20.54
N ALA B 145 -26.10 -11.80 20.52
CA ALA B 145 -26.18 -12.98 21.39
C ALA B 145 -25.07 -13.98 21.08
N LYS B 146 -24.81 -14.18 19.79
CA LYS B 146 -23.79 -15.15 19.39
C LYS B 146 -22.40 -14.66 19.79
N THR B 147 -22.22 -13.35 19.77
CA THR B 147 -20.96 -12.76 20.20
C THR B 147 -20.81 -12.85 21.72
N MET B 148 -21.90 -12.62 22.45
CA MET B 148 -21.86 -12.76 23.90
C MET B 148 -21.55 -14.19 24.32
N VAL B 149 -22.35 -15.13 23.81
CA VAL B 149 -22.25 -16.52 24.24
C VAL B 149 -20.97 -17.20 23.74
N GLY B 150 -20.59 -16.93 22.49
CA GLY B 150 -19.44 -17.58 21.90
C GLY B 150 -18.10 -16.94 22.20
N GLN B 151 -18.08 -15.62 22.37
CA GLN B 151 -16.83 -14.92 22.68
C GLN B 151 -16.74 -14.34 24.09
N GLY B 152 -17.84 -14.40 24.83
CA GLY B 152 -17.85 -14.02 26.23
C GLY B 152 -18.04 -12.52 26.48
N LYS B 153 -18.57 -11.81 25.49
CA LYS B 153 -18.78 -10.37 25.61
C LYS B 153 -20.03 -10.02 26.43
N THR B 154 -19.97 -8.89 27.11
CA THR B 154 -21.16 -8.33 27.74
C THR B 154 -22.03 -7.64 26.69
N VAL B 155 -23.25 -7.31 27.07
CA VAL B 155 -24.17 -6.65 26.16
C VAL B 155 -23.53 -5.47 25.44
N ILE B 156 -22.96 -4.53 26.17
CA ILE B 156 -22.45 -3.31 25.54
C ILE B 156 -21.22 -3.60 24.67
N GLN B 157 -20.40 -4.56 25.08
CA GLN B 157 -19.24 -4.90 24.24
C GLN B 157 -19.68 -5.57 22.95
N ALA B 158 -20.70 -6.40 23.01
CA ALA B 158 -21.25 -7.00 21.80
C ALA B 158 -21.89 -5.92 20.91
N GLU B 159 -22.64 -5.01 21.52
CA GLU B 159 -23.33 -3.95 20.79
C GLU B 159 -22.37 -3.04 20.01
N ILE B 160 -21.27 -2.61 20.63
CA ILE B 160 -20.37 -1.73 19.91
C ILE B 160 -19.60 -2.47 18.82
N ASP B 161 -19.59 -3.80 18.90
CA ASP B 161 -18.78 -4.63 18.00
C ASP B 161 -19.64 -5.24 16.89
N ALA B 162 -20.38 -6.30 17.22
CA ALA B 162 -21.11 -7.07 16.22
C ALA B 162 -22.22 -6.28 15.55
N ALA B 163 -22.73 -5.26 16.25
CA ALA B 163 -23.69 -4.37 15.63
C ALA B 163 -22.98 -3.11 15.11
N ALA B 164 -22.70 -2.16 15.99
CA ALA B 164 -22.27 -0.84 15.52
C ALA B 164 -21.03 -0.83 14.60
N GLU B 165 -19.93 -1.42 15.05
CA GLU B 165 -18.70 -1.36 14.24
C GLU B 165 -18.85 -2.12 12.93
N LEU B 166 -19.46 -3.30 12.96
CA LEU B 166 -19.61 -4.07 11.74
C LEU B 166 -20.53 -3.35 10.74
N ILE B 167 -21.66 -2.86 11.25
CA ILE B 167 -22.58 -2.08 10.43
C ILE B 167 -21.87 -0.85 9.85
N ASP B 168 -21.11 -0.16 10.69
CA ASP B 168 -20.36 1.03 10.23
C ASP B 168 -19.31 0.69 9.17
N PHE B 169 -18.57 -0.41 9.37
CA PHE B 169 -17.64 -0.87 8.34
C PHE B 169 -18.37 -1.02 7.01
N PHE B 170 -19.48 -1.75 7.04
CA PHE B 170 -20.23 -2.02 5.81
C PHE B 170 -20.74 -0.73 5.14
N ARG B 171 -21.35 0.16 5.92
CA ARG B 171 -21.89 1.40 5.36
C ARG B 171 -20.81 2.39 4.91
N PHE B 172 -19.83 2.64 5.77
CA PHE B 172 -18.79 3.61 5.42
C PHE B 172 -17.91 3.10 4.28
N ASN B 173 -17.52 1.83 4.31
CA ASN B 173 -16.71 1.34 3.18
C ASN B 173 -17.49 1.40 1.86
N ALA B 174 -18.80 1.15 1.93
CA ALA B 174 -19.64 1.26 0.73
C ALA B 174 -19.59 2.70 0.20
N LYS B 175 -19.72 3.66 1.11
CA LYS B 175 -19.65 5.08 0.74
C LYS B 175 -18.29 5.43 0.15
N PHE B 176 -17.22 5.02 0.83
CA PHE B 176 -15.88 5.31 0.34
C PHE B 176 -15.64 4.73 -1.04
N ALA B 177 -16.11 3.49 -1.25
CA ALA B 177 -15.91 2.81 -2.53
C ALA B 177 -16.70 3.46 -3.68
N VAL B 178 -17.95 3.80 -3.44
CA VAL B 178 -18.76 4.42 -4.47
C VAL B 178 -18.18 5.79 -4.83
N GLU B 179 -17.74 6.52 -3.81
CA GLU B 179 -17.19 7.86 -4.03
C GLU B 179 -15.81 7.81 -4.70
N LEU B 180 -15.06 6.73 -4.49
CA LEU B 180 -13.73 6.58 -5.07
C LEU B 180 -13.77 6.65 -6.60
N GLU B 181 -14.84 6.10 -7.19
CA GLU B 181 -14.96 6.13 -8.64
C GLU B 181 -15.07 7.54 -9.21
N GLY B 182 -15.38 8.51 -8.34
CA GLY B 182 -15.45 9.90 -8.76
C GLY B 182 -14.09 10.55 -8.80
N GLU B 183 -13.08 9.84 -8.30
CA GLU B 183 -11.71 10.36 -8.33
C GLU B 183 -11.11 10.01 -9.69
N GLN B 184 -11.17 10.98 -10.59
CA GLN B 184 -10.78 10.75 -11.98
C GLN B 184 -9.71 11.74 -12.41
N PRO B 185 -8.86 11.34 -13.37
CA PRO B 185 -7.76 12.20 -13.82
C PRO B 185 -8.23 13.33 -14.74
N ILE B 186 -7.30 14.21 -15.09
CA ILE B 186 -7.55 15.31 -16.01
C ILE B 186 -7.54 14.80 -17.45
N SER B 187 -8.46 15.32 -18.27
CA SER B 187 -8.42 15.07 -19.71
C SER B 187 -8.16 16.38 -20.44
N VAL B 188 -7.25 16.33 -21.42
CA VAL B 188 -7.04 17.47 -22.31
C VAL B 188 -7.19 16.99 -23.75
N PRO B 189 -7.78 17.83 -24.61
CA PRO B 189 -7.86 17.43 -26.03
C PRO B 189 -6.51 16.97 -26.56
N PRO B 190 -6.49 15.95 -27.44
CA PRO B 190 -7.64 15.29 -28.05
C PRO B 190 -8.01 13.97 -27.36
N SER B 191 -7.87 13.89 -26.04
CA SER B 191 -8.00 12.59 -25.36
C SER B 191 -8.84 12.63 -24.09
N THR B 192 -9.45 11.49 -23.77
CA THR B 192 -10.24 11.30 -22.56
C THR B 192 -9.59 10.24 -21.69
N ASN B 193 -9.37 10.57 -20.41
CA ASN B 193 -8.76 9.65 -19.45
C ASN B 193 -9.74 9.21 -18.37
N HIS B 194 -9.70 7.94 -18.05
CA HIS B 194 -10.59 7.39 -17.03
C HIS B 194 -9.84 6.36 -16.20
N THR B 195 -10.04 6.40 -14.89
CA THR B 195 -9.48 5.37 -14.03
C THR B 195 -10.52 4.30 -13.71
N VAL B 196 -10.14 3.04 -13.95
CA VAL B 196 -10.95 1.89 -13.61
C VAL B 196 -10.36 1.29 -12.34
N TYR B 197 -11.17 1.22 -11.29
CA TYR B 197 -10.68 0.67 -10.04
C TYR B 197 -10.86 -0.84 -10.01
N ARG B 198 -9.92 -1.54 -10.65
CA ARG B 198 -9.97 -3.00 -10.77
C ARG B 198 -9.80 -3.66 -9.40
N GLY B 199 -10.46 -4.79 -9.20
CA GLY B 199 -10.09 -5.63 -8.07
C GLY B 199 -8.72 -6.23 -8.38
N LEU B 200 -8.10 -6.84 -7.37
CA LEU B 200 -6.81 -7.48 -7.59
C LEU B 200 -7.00 -8.78 -8.36
N GLU B 201 -6.06 -9.10 -9.23
CA GLU B 201 -6.17 -10.28 -10.06
C GLU B 201 -5.64 -11.47 -9.27
N GLY B 202 -6.54 -12.37 -8.86
CA GLY B 202 -6.17 -13.51 -8.04
C GLY B 202 -7.19 -13.62 -6.92
N PHE B 203 -6.79 -14.18 -5.77
CA PHE B 203 -7.69 -14.20 -4.62
C PHE B 203 -6.98 -13.61 -3.40
N VAL B 204 -7.79 -13.18 -2.45
CA VAL B 204 -7.33 -12.66 -1.17
C VAL B 204 -7.67 -13.63 -0.04
N ALA B 205 -6.70 -13.84 0.86
CA ALA B 205 -6.92 -14.64 2.05
C ALA B 205 -7.20 -13.72 3.23
N ALA B 206 -8.35 -13.91 3.88
CA ALA B 206 -8.70 -13.10 5.04
C ALA B 206 -8.60 -13.97 6.28
N ILE B 207 -7.88 -13.49 7.29
CA ILE B 207 -7.59 -14.28 8.48
C ILE B 207 -7.94 -13.41 9.69
N SER B 208 -9.02 -13.76 10.39
CA SER B 208 -9.58 -12.87 11.40
C SER B 208 -9.38 -13.36 12.83
N PRO B 209 -9.48 -12.45 13.81
CA PRO B 209 -9.17 -12.76 15.21
C PRO B 209 -10.43 -13.05 16.01
N PHE B 210 -10.26 -13.60 17.21
CA PHE B 210 -11.41 -13.94 18.04
C PHE B 210 -12.12 -12.73 18.64
N ASN B 211 -11.42 -11.62 18.80
CA ASN B 211 -11.89 -10.63 19.78
C ASN B 211 -12.89 -9.61 19.29
N PHE B 212 -13.02 -9.46 17.97
CA PHE B 212 -14.07 -8.60 17.41
C PHE B 212 -14.75 -9.32 16.26
N THR B 213 -16.05 -9.55 16.41
CA THR B 213 -16.86 -10.07 15.32
C THR B 213 -16.75 -9.17 14.09
N ALA B 214 -16.70 -7.86 14.33
CA ALA B 214 -16.72 -6.89 13.24
C ALA B 214 -15.47 -6.99 12.38
N ILE B 215 -14.34 -7.34 12.99
CA ILE B 215 -13.09 -7.38 12.25
C ILE B 215 -13.13 -8.45 11.17
N GLY B 216 -13.69 -9.61 11.49
CA GLY B 216 -13.86 -10.67 10.52
C GLY B 216 -14.69 -10.23 9.33
N GLY B 217 -15.79 -9.56 9.61
CA GLY B 217 -16.63 -9.03 8.55
C GLY B 217 -15.91 -8.04 7.66
N ASN B 218 -15.08 -7.19 8.26
CA ASN B 218 -14.32 -6.20 7.48
C ASN B 218 -13.17 -6.83 6.68
N LEU B 219 -12.42 -7.73 7.30
CA LEU B 219 -11.29 -8.36 6.62
C LEU B 219 -11.69 -9.09 5.36
N ALA B 220 -12.82 -9.80 5.43
CA ALA B 220 -13.32 -10.51 4.25
C ALA B 220 -14.15 -9.60 3.35
N GLY B 221 -14.92 -8.73 3.98
CA GLY B 221 -15.89 -7.90 3.28
C GLY B 221 -15.30 -6.75 2.48
N ALA B 222 -14.32 -6.05 3.03
CA ALA B 222 -13.77 -4.91 2.31
C ALA B 222 -13.11 -5.31 0.97
N PRO B 223 -12.29 -6.38 0.95
CA PRO B 223 -11.73 -6.74 -0.35
C PRO B 223 -12.83 -7.18 -1.32
N ALA B 224 -13.81 -7.93 -0.82
CA ALA B 224 -14.94 -8.36 -1.66
C ALA B 224 -15.68 -7.16 -2.28
N LEU B 225 -15.93 -6.13 -1.48
CA LEU B 225 -16.54 -4.89 -1.98
C LEU B 225 -15.79 -4.31 -3.18
N MET B 226 -14.46 -4.44 -3.14
CA MET B 226 -13.61 -3.84 -4.18
C MET B 226 -13.41 -4.75 -5.39
N GLY B 227 -14.20 -5.82 -5.46
CA GLY B 227 -14.21 -6.69 -6.64
C GLY B 227 -13.29 -7.88 -6.51
N ASN B 228 -12.82 -8.14 -5.29
CA ASN B 228 -12.00 -9.33 -5.05
C ASN B 228 -12.81 -10.54 -4.66
N VAL B 229 -12.18 -11.71 -4.80
CA VAL B 229 -12.74 -12.93 -4.22
C VAL B 229 -11.83 -13.36 -3.07
N VAL B 230 -12.41 -14.02 -2.09
CA VAL B 230 -11.78 -14.15 -0.78
C VAL B 230 -11.95 -15.56 -0.23
N LEU B 231 -10.87 -16.10 0.34
CA LEU B 231 -11.00 -17.24 1.25
C LEU B 231 -10.91 -16.68 2.65
N TRP B 232 -12.00 -16.82 3.40
CA TRP B 232 -12.05 -16.30 4.77
C TRP B 232 -11.85 -17.43 5.78
N LYS B 233 -10.75 -17.38 6.51
CA LYS B 233 -10.52 -18.27 7.64
C LYS B 233 -10.90 -17.54 8.91
N PRO B 234 -12.09 -17.84 9.46
CA PRO B 234 -12.48 -17.12 10.68
C PRO B 234 -11.78 -17.71 11.90
N SER B 235 -11.83 -16.96 12.99
CA SER B 235 -11.22 -17.42 14.23
C SER B 235 -12.04 -18.56 14.82
N ASP B 236 -11.36 -19.62 15.25
CA ASP B 236 -11.99 -20.77 15.89
C ASP B 236 -12.89 -20.35 17.06
N THR B 237 -12.39 -19.43 17.87
CA THR B 237 -13.08 -19.05 19.10
C THR B 237 -14.13 -17.97 18.87
N ALA B 238 -14.35 -17.60 17.60
CA ALA B 238 -15.44 -16.71 17.24
C ALA B 238 -16.30 -17.29 16.12
N MET B 239 -16.32 -18.62 16.01
CA MET B 239 -16.93 -19.24 14.83
C MET B 239 -18.43 -18.96 14.72
N LEU B 240 -19.14 -19.03 15.84
CA LEU B 240 -20.59 -18.88 15.86
C LEU B 240 -21.05 -17.54 15.27
N ALA B 241 -20.49 -16.45 15.80
CA ALA B 241 -20.84 -15.12 15.31
C ALA B 241 -20.33 -14.92 13.88
N SER B 242 -19.16 -15.48 13.57
CA SER B 242 -18.61 -15.29 12.24
C SER B 242 -19.50 -15.90 11.17
N TYR B 243 -19.98 -17.11 11.43
CA TYR B 243 -20.87 -17.79 10.48
C TYR B 243 -22.17 -16.99 10.35
N ALA B 244 -22.64 -16.41 11.44
CA ALA B 244 -23.86 -15.60 11.39
C ALA B 244 -23.68 -14.46 10.40
N VAL B 245 -22.54 -13.78 10.50
CA VAL B 245 -22.23 -12.69 9.59
C VAL B 245 -22.13 -13.21 8.16
N TYR B 246 -21.47 -14.36 7.97
CA TYR B 246 -21.33 -14.91 6.63
C TYR B 246 -22.71 -15.17 6.00
N ARG B 247 -23.60 -15.80 6.78
CA ARG B 247 -24.93 -16.09 6.26
C ARG B 247 -25.69 -14.82 5.91
N ILE B 248 -25.55 -13.79 6.75
CA ILE B 248 -26.22 -12.53 6.46
C ILE B 248 -25.72 -11.95 5.12
N LEU B 249 -24.41 -11.98 4.88
CA LEU B 249 -23.87 -11.51 3.60
C LEU B 249 -24.47 -12.27 2.42
N ARG B 250 -24.59 -13.57 2.54
CA ARG B 250 -25.15 -14.36 1.46
C ARG B 250 -26.62 -14.01 1.24
N GLU B 251 -27.36 -13.85 2.33
CA GLU B 251 -28.77 -13.51 2.26
C GLU B 251 -28.97 -12.11 1.68
N ALA B 252 -27.99 -11.25 1.92
CA ALA B 252 -28.02 -9.89 1.40
C ALA B 252 -27.74 -9.85 -0.10
N GLY B 253 -27.33 -10.98 -0.67
CA GLY B 253 -27.13 -11.07 -2.11
C GLY B 253 -25.71 -11.29 -2.60
N LEU B 254 -24.80 -11.57 -1.67
CA LEU B 254 -23.43 -11.88 -2.11
C LEU B 254 -23.47 -13.17 -2.93
N PRO B 255 -22.97 -13.13 -4.18
CA PRO B 255 -23.04 -14.31 -5.03
C PRO B 255 -22.16 -15.44 -4.52
N PRO B 256 -22.39 -16.67 -5.00
CA PRO B 256 -21.50 -17.76 -4.59
C PRO B 256 -20.05 -17.58 -5.06
N ASN B 257 -19.12 -18.11 -4.27
CA ASN B 257 -17.70 -18.15 -4.62
C ASN B 257 -16.99 -16.81 -4.54
N ILE B 258 -17.66 -15.81 -3.98
CA ILE B 258 -17.03 -14.51 -3.76
C ILE B 258 -16.34 -14.50 -2.39
N ILE B 259 -17.02 -15.02 -1.37
CA ILE B 259 -16.34 -15.25 -0.10
C ILE B 259 -16.55 -16.71 0.28
N GLN B 260 -15.45 -17.44 0.39
CA GLN B 260 -15.51 -18.85 0.74
C GLN B 260 -15.32 -18.94 2.25
N PHE B 261 -16.20 -19.65 2.94
CA PHE B 261 -16.15 -19.73 4.39
C PHE B 261 -15.34 -20.97 4.78
N VAL B 262 -14.07 -20.77 5.09
CA VAL B 262 -13.15 -21.91 5.25
C VAL B 262 -12.32 -21.85 6.53
N PRO B 263 -12.97 -22.15 7.68
CA PRO B 263 -12.20 -22.41 8.90
C PRO B 263 -11.14 -23.45 8.56
N ALA B 264 -9.99 -23.37 9.22
CA ALA B 264 -8.88 -24.25 8.93
C ALA B 264 -7.80 -24.12 9.99
N ASP B 265 -6.94 -25.13 10.08
CA ASP B 265 -5.75 -25.02 10.90
C ASP B 265 -4.91 -23.85 10.36
N GLY B 266 -4.40 -23.00 11.26
CA GLY B 266 -3.73 -21.79 10.82
C GLY B 266 -2.54 -22.04 9.91
N PRO B 267 -1.59 -22.86 10.37
CA PRO B 267 -0.44 -23.17 9.51
C PRO B 267 -0.84 -23.80 8.18
N THR B 268 -1.78 -24.74 8.21
CA THR B 268 -2.22 -25.40 6.99
C THR B 268 -2.79 -24.37 6.02
N PHE B 269 -3.60 -23.47 6.55
CA PHE B 269 -4.24 -22.47 5.72
C PHE B 269 -3.17 -21.58 5.07
N GLY B 270 -2.24 -21.11 5.89
CA GLY B 270 -1.17 -20.25 5.39
C GLY B 270 -0.31 -20.94 4.36
N ASP B 271 0.03 -22.21 4.61
CA ASP B 271 0.83 -22.99 3.66
C ASP B 271 0.12 -23.07 2.32
N THR B 272 -1.19 -23.31 2.36
CA THR B 272 -1.94 -23.51 1.14
C THR B 272 -2.07 -22.22 0.34
N VAL B 273 -2.46 -21.13 1.00
CA VAL B 273 -2.71 -19.90 0.24
C VAL B 273 -1.40 -19.32 -0.29
N THR B 274 -0.31 -19.46 0.45
CA THR B 274 0.97 -18.89 0.00
C THR B 274 1.65 -19.76 -1.08
N SER B 275 1.13 -20.96 -1.31
CA SER B 275 1.61 -21.84 -2.37
C SER B 275 0.85 -21.69 -3.68
N SER B 276 -0.21 -20.87 -3.70
CA SER B 276 -0.96 -20.65 -4.93
C SER B 276 -0.37 -19.53 -5.75
N GLU B 277 -0.16 -19.78 -7.04
CA GLU B 277 0.33 -18.75 -7.94
C GLU B 277 -0.65 -17.58 -8.01
N HIS B 278 -1.89 -17.81 -7.57
CA HIS B 278 -2.93 -16.80 -7.73
C HIS B 278 -3.19 -15.95 -6.50
N LEU B 279 -2.36 -16.08 -5.48
CA LEU B 279 -2.56 -15.27 -4.28
C LEU B 279 -2.25 -13.82 -4.62
N CYS B 280 -3.17 -12.92 -4.29
CA CYS B 280 -2.86 -11.50 -4.52
C CYS B 280 -2.91 -10.63 -3.28
N GLY B 281 -3.34 -11.20 -2.14
CA GLY B 281 -3.36 -10.41 -0.93
C GLY B 281 -3.66 -11.27 0.29
N ILE B 282 -3.16 -10.83 1.43
CA ILE B 282 -3.52 -11.44 2.71
C ILE B 282 -3.98 -10.30 3.60
N ASN B 283 -5.20 -10.38 4.10
CA ASN B 283 -5.73 -9.37 5.01
C ASN B 283 -5.80 -10.02 6.38
N PHE B 284 -4.88 -9.61 7.26
CA PHE B 284 -4.61 -10.35 8.48
C PHE B 284 -4.79 -9.49 9.73
N THR B 285 -5.40 -10.08 10.77
CA THR B 285 -5.36 -9.47 12.08
C THR B 285 -5.10 -10.57 13.11
N GLY B 286 -4.05 -10.41 13.91
CA GLY B 286 -3.58 -11.49 14.76
C GLY B 286 -2.18 -11.23 15.29
N SER B 287 -1.46 -12.28 15.67
CA SER B 287 -0.15 -12.14 16.32
C SER B 287 0.94 -11.66 15.37
N VAL B 288 1.91 -10.93 15.91
CA VAL B 288 3.08 -10.52 15.14
C VAL B 288 3.83 -11.69 14.51
N PRO B 289 4.15 -12.73 15.30
CA PRO B 289 4.91 -13.83 14.69
C PRO B 289 4.19 -14.51 13.54
N THR B 290 2.87 -14.66 13.63
CA THR B 290 2.15 -15.29 12.53
C THR B 290 2.18 -14.42 11.29
N PHE B 291 1.98 -13.12 11.46
CA PHE B 291 2.03 -12.21 10.32
C PHE B 291 3.42 -12.24 9.67
N LYS B 292 4.47 -12.23 10.50
CA LYS B 292 5.82 -12.31 9.97
C LYS B 292 6.03 -13.62 9.23
N HIS B 293 5.49 -14.72 9.77
CA HIS B 293 5.61 -16.03 9.13
C HIS B 293 4.99 -16.00 7.72
N LEU B 294 3.77 -15.47 7.62
CA LEU B 294 3.12 -15.36 6.31
C LEU B 294 3.92 -14.48 5.35
N TRP B 295 4.45 -13.38 5.86
CA TRP B 295 5.25 -12.46 5.07
C TRP B 295 6.45 -13.22 4.50
N ARG B 296 7.11 -14.00 5.34
CA ARG B 296 8.24 -14.78 4.88
C ARG B 296 7.84 -15.87 3.87
N GLN B 297 6.69 -16.51 4.08
CA GLN B 297 6.25 -17.52 3.11
C GLN B 297 5.99 -16.91 1.74
N VAL B 298 5.36 -15.73 1.71
CA VAL B 298 5.12 -15.06 0.44
C VAL B 298 6.48 -14.74 -0.23
N ALA B 299 7.40 -14.20 0.56
CA ALA B 299 8.73 -13.90 0.03
C ALA B 299 9.42 -15.15 -0.53
N GLN B 300 9.33 -16.26 0.19
CA GLN B 300 9.93 -17.51 -0.27
C GLN B 300 9.37 -17.93 -1.63
N ASN B 301 8.09 -17.61 -1.86
CA ASN B 301 7.38 -18.08 -3.05
C ASN B 301 7.21 -17.05 -4.15
N LEU B 302 7.95 -15.94 -4.05
CA LEU B 302 7.80 -14.84 -4.99
C LEU B 302 7.82 -15.26 -6.45
N ASP B 303 8.62 -16.27 -6.79
CA ASP B 303 8.79 -16.62 -8.21
C ASP B 303 7.61 -17.40 -8.77
N ARG B 304 6.69 -17.79 -7.89
CA ARG B 304 5.52 -18.57 -8.30
C ARG B 304 4.32 -17.66 -8.60
N PHE B 305 4.28 -16.49 -7.99
CA PHE B 305 3.08 -15.65 -8.10
C PHE B 305 2.98 -14.92 -9.42
N ARG B 306 1.75 -14.76 -9.88
CA ARG B 306 1.47 -13.98 -11.06
C ARG B 306 1.69 -12.49 -10.79
N THR B 307 1.39 -12.05 -9.57
CA THR B 307 1.75 -10.67 -9.20
C THR B 307 2.21 -10.61 -7.75
N PHE B 308 2.69 -9.45 -7.33
CA PHE B 308 3.21 -9.27 -5.98
C PHE B 308 2.06 -9.17 -5.00
N PRO B 309 1.96 -10.13 -4.06
CA PRO B 309 0.83 -10.10 -3.12
C PRO B 309 0.93 -8.91 -2.17
N ARG B 310 -0.23 -8.40 -1.76
CA ARG B 310 -0.32 -7.29 -0.83
C ARG B 310 -0.68 -7.81 0.53
N LEU B 311 0.21 -7.57 1.49
CA LEU B 311 0.00 -8.02 2.85
C LEU B 311 -0.44 -6.86 3.73
N ALA B 312 -1.53 -7.08 4.44
CA ALA B 312 -2.05 -6.09 5.38
C ALA B 312 -2.19 -6.81 6.72
N GLY B 313 -1.62 -6.22 7.76
CA GLY B 313 -1.60 -6.83 9.07
C GLY B 313 -1.82 -5.86 10.20
N GLU B 314 -2.72 -6.21 11.11
CA GLU B 314 -2.88 -5.48 12.36
C GLU B 314 -2.53 -6.46 13.47
N CYS B 315 -1.60 -6.08 14.34
CA CYS B 315 -0.89 -7.05 15.18
C CYS B 315 -0.77 -6.80 16.68
N GLY B 316 -1.60 -5.95 17.26
CA GLY B 316 -1.57 -5.85 18.71
C GLY B 316 -0.70 -4.74 19.24
N GLY B 317 -0.68 -4.59 20.57
CA GLY B 317 -0.01 -3.46 21.17
C GLY B 317 0.32 -3.66 22.63
N LYS B 318 1.06 -2.70 23.17
CA LYS B 318 1.25 -2.62 24.63
C LYS B 318 0.95 -1.17 25.00
N ASN B 319 -0.33 -0.90 25.17
CA ASN B 319 -0.84 0.47 25.13
C ASN B 319 -0.81 1.19 26.46
N PHE B 320 -0.57 2.50 26.40
CA PHE B 320 -0.33 3.28 27.61
C PHE B 320 -1.43 4.29 27.91
N HIS B 321 -1.66 4.55 29.20
CA HIS B 321 -2.33 5.78 29.64
C HIS B 321 -1.28 6.58 30.41
N PHE B 322 -0.95 7.77 29.92
CA PHE B 322 0.01 8.63 30.60
C PHE B 322 -0.71 9.75 31.32
N VAL B 323 -0.44 9.89 32.62
CA VAL B 323 -1.11 10.90 33.44
C VAL B 323 -0.13 11.99 33.83
N HIS B 324 -0.53 13.23 33.58
CA HIS B 324 0.24 14.40 34.03
C HIS B 324 -0.39 14.91 35.32
N SER B 325 0.36 15.69 36.08
CA SER B 325 -0.12 16.18 37.38
C SER B 325 -1.41 17.00 37.28
N SER B 326 -1.68 17.56 36.10
CA SER B 326 -2.84 18.41 35.89
C SER B 326 -4.09 17.62 35.49
N ALA B 327 -3.98 16.29 35.44
CA ALA B 327 -5.09 15.44 35.00
C ALA B 327 -6.32 15.51 35.89
N ASP B 328 -7.48 15.27 35.28
CA ASP B 328 -8.71 15.03 36.03
C ASP B 328 -8.72 13.60 36.57
N VAL B 329 -8.58 13.47 37.89
CA VAL B 329 -8.43 12.17 38.54
C VAL B 329 -9.56 11.20 38.22
N ASP B 330 -10.80 11.68 38.29
CA ASP B 330 -11.95 10.81 38.06
C ASP B 330 -11.95 10.25 36.64
N SER B 331 -11.60 11.08 35.67
CA SER B 331 -11.52 10.64 34.28
C SER B 331 -10.41 9.61 34.10
N VAL B 332 -9.26 9.86 34.73
CA VAL B 332 -8.17 8.90 34.69
C VAL B 332 -8.64 7.55 35.19
N VAL B 333 -9.32 7.55 36.32
CA VAL B 333 -9.76 6.31 36.94
C VAL B 333 -10.78 5.55 36.07
N SER B 334 -11.86 6.20 35.68
CA SER B 334 -12.90 5.52 34.93
C SER B 334 -12.44 5.10 33.54
N GLY B 335 -11.69 5.99 32.89
CA GLY B 335 -11.17 5.70 31.56
C GLY B 335 -10.17 4.56 31.60
N THR B 336 -9.35 4.52 32.64
CA THR B 336 -8.36 3.45 32.78
C THR B 336 -9.01 2.11 33.12
N LEU B 337 -9.96 2.12 34.05
CA LEU B 337 -10.69 0.89 34.37
C LEU B 337 -11.35 0.30 33.12
N ARG B 338 -12.01 1.13 32.33
CA ARG B 338 -12.66 0.65 31.13
C ARG B 338 -11.63 0.14 30.12
N SER B 339 -10.61 0.94 29.86
CA SER B 339 -9.62 0.54 28.88
C SER B 339 -8.89 -0.75 29.26
N ALA B 340 -8.53 -0.87 30.54
CA ALA B 340 -7.75 -2.02 30.95
C ALA B 340 -8.57 -3.29 31.06
N PHE B 341 -9.84 -3.16 31.47
CA PHE B 341 -10.60 -4.32 31.90
C PHE B 341 -11.85 -4.67 31.08
N GLU B 342 -12.35 -3.77 30.24
CA GLU B 342 -13.49 -4.15 29.40
C GLU B 342 -13.11 -5.31 28.50
N TYR B 343 -14.06 -6.23 28.30
CA TYR B 343 -13.80 -7.48 27.59
C TYR B 343 -12.54 -8.17 28.12
N GLY B 344 -12.32 -8.06 29.43
CA GLY B 344 -11.19 -8.74 30.05
C GLY B 344 -9.83 -8.29 29.53
N GLY B 345 -9.76 -7.07 29.02
CA GLY B 345 -8.52 -6.55 28.47
C GLY B 345 -8.09 -7.20 27.16
N GLN B 346 -9.01 -7.90 26.51
CA GLN B 346 -8.68 -8.67 25.31
C GLN B 346 -8.88 -7.83 24.05
N LYS B 347 -8.22 -6.68 24.03
CA LYS B 347 -8.27 -5.77 22.90
C LYS B 347 -6.85 -5.36 22.53
N CYS B 348 -6.57 -5.25 21.24
CA CYS B 348 -5.26 -4.81 20.81
CA CYS B 348 -5.27 -4.79 20.79
C CYS B 348 -5.01 -3.37 21.26
N SER B 349 -6.09 -2.68 21.62
CA SER B 349 -6.07 -1.27 22.05
C SER B 349 -6.12 -1.05 23.56
N ALA B 350 -6.30 -2.13 24.32
CA ALA B 350 -6.45 -2.01 25.77
C ALA B 350 -5.22 -1.43 26.47
N CYS B 351 -5.46 -0.55 27.44
CA CYS B 351 -4.40 -0.03 28.29
C CYS B 351 -3.83 -1.11 29.20
N SER B 352 -2.52 -1.34 29.14
CA SER B 352 -1.88 -2.31 30.02
C SER B 352 -0.72 -1.69 30.80
N ARG B 353 -0.39 -0.45 30.48
CA ARG B 353 0.57 0.27 31.31
C ARG B 353 0.07 1.67 31.63
N LEU B 354 0.04 1.97 32.93
CA LEU B 354 -0.40 3.27 33.41
C LEU B 354 0.77 3.98 34.08
N TYR B 355 1.06 5.19 33.61
CA TYR B 355 2.11 6.05 34.17
C TYR B 355 1.48 7.18 34.98
N VAL B 356 1.79 7.22 36.28
CA VAL B 356 1.16 8.16 37.20
C VAL B 356 2.23 8.98 37.92
N PRO B 357 2.04 10.30 38.02
CA PRO B 357 3.01 11.12 38.78
C PRO B 357 2.85 10.90 40.28
N LYS B 358 3.95 10.95 41.02
CA LYS B 358 3.93 10.73 42.48
C LYS B 358 2.88 11.59 43.18
N SER B 359 2.74 12.83 42.74
CA SER B 359 1.83 13.77 43.39
C SER B 359 0.38 13.30 43.38
N LEU B 360 -0.01 12.59 42.32
CA LEU B 360 -1.39 12.14 42.19
C LEU B 360 -1.60 10.67 42.58
N TRP B 361 -0.52 9.96 42.89
CA TRP B 361 -0.62 8.52 43.15
C TRP B 361 -1.51 8.17 44.36
N PRO B 362 -1.36 8.91 45.47
CA PRO B 362 -2.27 8.67 46.59
C PRO B 362 -3.76 8.73 46.18
N GLN B 363 -4.17 9.80 45.49
CA GLN B 363 -5.56 9.92 45.06
C GLN B 363 -5.97 8.83 44.07
N ILE B 364 -5.12 8.60 43.06
CA ILE B 364 -5.45 7.65 42.01
C ILE B 364 -5.47 6.21 42.50
N LYS B 365 -4.48 5.85 43.33
CA LYS B 365 -4.39 4.51 43.89
C LYS B 365 -5.62 4.22 44.74
N GLY B 366 -5.96 5.16 45.62
CA GLY B 366 -7.12 4.99 46.47
C GLY B 366 -8.38 4.76 45.66
N ARG B 367 -8.60 5.60 44.66
CA ARG B 367 -9.78 5.52 43.82
C ARG B 367 -9.82 4.22 42.99
N LEU B 368 -8.67 3.81 42.46
CA LEU B 368 -8.59 2.59 41.67
C LEU B 368 -8.94 1.37 42.50
N LEU B 369 -8.42 1.31 43.72
CA LEU B 369 -8.66 0.17 44.59
C LEU B 369 -10.13 0.11 45.01
N GLU B 370 -10.73 1.28 45.27
CA GLU B 370 -12.13 1.34 45.68
C GLU B 370 -13.02 0.91 44.52
N GLU B 371 -12.82 1.50 43.35
CA GLU B 371 -13.61 1.14 42.18
C GLU B 371 -13.38 -0.33 41.81
N HIS B 372 -12.14 -0.80 41.94
CA HIS B 372 -11.82 -2.19 41.62
C HIS B 372 -12.74 -3.15 42.37
N SER B 373 -12.96 -2.87 43.65
CA SER B 373 -13.75 -3.75 44.52
C SER B 373 -15.21 -3.85 44.09
N ARG B 374 -15.63 -2.94 43.21
CA ARG B 374 -17.02 -2.90 42.75
C ARG B 374 -17.20 -3.53 41.38
N ILE B 375 -16.11 -4.00 40.78
CA ILE B 375 -16.20 -4.61 39.45
C ILE B 375 -16.75 -6.02 39.57
N LYS B 376 -17.83 -6.29 38.84
CA LYS B 376 -18.48 -7.59 38.89
C LYS B 376 -18.03 -8.45 37.73
N VAL B 377 -17.44 -9.61 38.02
CA VAL B 377 -17.07 -10.56 36.96
C VAL B 377 -18.01 -11.76 37.03
N GLY B 378 -18.58 -12.13 35.88
CA GLY B 378 -19.53 -13.22 35.88
C GLY B 378 -20.10 -13.53 34.50
N ASP B 379 -21.25 -14.19 34.50
CA ASP B 379 -21.92 -14.66 33.30
C ASP B 379 -22.67 -13.51 32.63
N PRO B 380 -22.26 -13.13 31.41
CA PRO B 380 -22.82 -11.90 30.80
C PRO B 380 -24.22 -12.14 30.25
N ALA B 381 -24.58 -13.40 30.03
CA ALA B 381 -25.90 -13.72 29.50
C ALA B 381 -26.95 -13.76 30.60
N GLU B 382 -26.57 -14.30 31.75
CA GLU B 382 -27.47 -14.45 32.89
C GLU B 382 -27.53 -13.19 33.77
N ASP B 383 -26.44 -12.43 33.80
CA ASP B 383 -26.36 -11.28 34.69
C ASP B 383 -25.87 -10.04 33.94
N PHE B 384 -26.79 -9.18 33.55
CA PHE B 384 -26.41 -7.96 32.83
C PHE B 384 -25.66 -6.96 33.72
N GLY B 385 -25.56 -7.26 35.00
CA GLY B 385 -24.77 -6.44 35.92
C GLY B 385 -23.28 -6.69 35.77
N THR B 386 -22.93 -7.69 34.97
CA THR B 386 -21.53 -8.09 34.79
C THR B 386 -20.74 -7.00 34.06
N PHE B 387 -19.59 -6.61 34.62
CA PHE B 387 -18.73 -5.65 33.92
C PHE B 387 -17.92 -6.34 32.82
N PHE B 388 -17.27 -7.44 33.15
CA PHE B 388 -16.67 -8.29 32.14
C PHE B 388 -16.69 -9.75 32.58
N SER B 389 -16.46 -10.65 31.63
CA SER B 389 -16.60 -12.07 31.90
C SER B 389 -15.27 -12.80 31.71
N ALA B 390 -15.36 -14.12 31.60
CA ALA B 390 -14.21 -15.00 31.38
C ALA B 390 -13.39 -14.62 30.15
N VAL B 391 -12.10 -14.93 30.19
CA VAL B 391 -11.25 -14.80 29.01
C VAL B 391 -11.55 -15.93 28.02
N ILE B 392 -11.00 -15.81 26.81
CA ILE B 392 -11.55 -16.52 25.67
C ILE B 392 -11.41 -18.05 25.72
N ASP B 393 -10.26 -18.55 26.16
CA ASP B 393 -10.01 -19.99 26.11
C ASP B 393 -8.96 -20.45 27.11
N ALA B 394 -8.74 -21.76 27.15
CA ALA B 394 -7.76 -22.33 28.07
C ALA B 394 -6.36 -21.77 27.85
N LYS B 395 -5.98 -21.54 26.59
CA LYS B 395 -4.65 -21.06 26.27
C LYS B 395 -4.45 -19.66 26.86
N ALA B 396 -5.47 -18.80 26.70
CA ALA B 396 -5.40 -17.45 27.25
C ALA B 396 -5.29 -17.50 28.77
N PHE B 397 -6.12 -18.34 29.38
CA PHE B 397 -6.13 -18.50 30.83
C PHE B 397 -4.77 -18.95 31.36
N ALA B 398 -4.14 -19.89 30.65
CA ALA B 398 -2.82 -20.40 31.06
C ALA B 398 -1.74 -19.33 30.98
N ARG B 399 -1.79 -18.53 29.92
CA ARG B 399 -0.82 -17.46 29.73
C ARG B 399 -0.96 -16.42 30.82
N ILE B 400 -2.20 -16.06 31.14
CA ILE B 400 -2.44 -15.05 32.18
C ILE B 400 -1.97 -15.59 33.53
N LYS B 401 -2.25 -16.86 33.80
CA LYS B 401 -1.78 -17.52 35.02
C LYS B 401 -0.26 -17.39 35.17
N LYS B 402 0.48 -17.58 34.08
CA LYS B 402 1.93 -17.46 34.12
C LYS B 402 2.38 -16.03 34.44
N TRP B 403 1.65 -15.04 33.95
CA TRP B 403 2.01 -13.64 34.21
C TRP B 403 1.73 -13.25 35.65
N LEU B 404 0.64 -13.77 36.20
CA LEU B 404 0.32 -13.52 37.60
C LEU B 404 1.34 -14.20 38.51
N GLU B 405 1.77 -15.39 38.13
CA GLU B 405 2.83 -16.08 38.86
C GLU B 405 4.12 -15.25 38.81
N HIS B 406 4.44 -14.72 37.63
CA HIS B 406 5.60 -13.85 37.46
C HIS B 406 5.51 -12.64 38.38
N ALA B 407 4.32 -12.06 38.50
CA ALA B 407 4.15 -10.89 39.33
C ALA B 407 4.49 -11.22 40.77
N ARG B 408 4.05 -12.38 41.23
CA ARG B 408 4.34 -12.80 42.61
C ARG B 408 5.81 -13.08 42.85
N SER B 409 6.49 -13.60 41.84
CA SER B 409 7.89 -13.99 41.97
C SER B 409 8.84 -12.81 41.83
N SER B 410 8.49 -11.86 40.97
CA SER B 410 9.36 -10.73 40.66
C SER B 410 9.47 -9.74 41.82
N PRO B 411 10.71 -9.45 42.25
CA PRO B 411 10.90 -8.50 43.34
C PRO B 411 10.43 -7.10 42.98
N SER B 412 10.33 -6.79 41.70
CA SER B 412 9.97 -5.45 41.27
C SER B 412 8.46 -5.27 41.09
N LEU B 413 7.72 -6.35 41.24
CA LEU B 413 6.28 -6.34 41.03
C LEU B 413 5.50 -6.62 42.30
N SER B 414 4.38 -5.94 42.45
CA SER B 414 3.49 -6.15 43.57
C SER B 414 2.04 -6.10 43.10
N ILE B 415 1.28 -7.14 43.40
CA ILE B 415 -0.15 -7.17 43.10
C ILE B 415 -0.92 -6.31 44.10
N LEU B 416 -1.51 -5.22 43.61
CA LEU B 416 -2.25 -4.28 44.47
C LEU B 416 -3.70 -4.69 44.65
N ALA B 417 -4.29 -5.28 43.61
CA ALA B 417 -5.68 -5.73 43.69
C ALA B 417 -5.92 -6.89 42.73
N GLY B 418 -6.88 -7.74 43.06
CA GLY B 418 -7.18 -8.90 42.23
C GLY B 418 -6.09 -9.95 42.33
N GLY B 419 -5.96 -10.76 41.29
CA GLY B 419 -4.93 -11.77 41.25
C GLY B 419 -5.43 -13.20 41.36
N GLN B 420 -6.73 -13.37 41.58
CA GLN B 420 -7.29 -14.71 41.70
C GLN B 420 -7.84 -15.20 40.37
N CYS B 421 -7.93 -16.52 40.20
CA CYS B 421 -8.46 -17.11 38.98
CA CYS B 421 -8.43 -17.13 38.97
C CYS B 421 -9.17 -18.43 39.29
N ASN B 422 -10.07 -18.83 38.41
CA ASN B 422 -10.81 -20.07 38.59
C ASN B 422 -11.30 -20.57 37.23
N GLU B 423 -10.81 -21.73 36.80
CA GLU B 423 -11.24 -22.25 35.49
C GLU B 423 -12.17 -23.47 35.58
N SER B 424 -12.79 -23.65 36.74
CA SER B 424 -13.64 -24.84 36.93
C SER B 424 -14.95 -24.79 36.12
N VAL B 425 -15.45 -23.58 35.86
CA VAL B 425 -16.70 -23.42 35.11
C VAL B 425 -16.47 -22.60 33.83
N GLY B 426 -15.83 -21.46 33.98
CA GLY B 426 -15.41 -20.66 32.84
C GLY B 426 -13.95 -20.28 33.01
N TYR B 427 -13.37 -19.62 32.01
CA TYR B 427 -11.98 -19.17 32.15
C TYR B 427 -11.93 -17.83 32.86
N TYR B 428 -12.27 -17.85 34.15
CA TYR B 428 -12.45 -16.64 34.95
C TYR B 428 -11.18 -16.10 35.61
N VAL B 429 -10.91 -14.83 35.35
CA VAL B 429 -9.78 -14.11 35.92
C VAL B 429 -10.27 -12.79 36.48
N GLU B 430 -9.97 -12.51 37.75
CA GLU B 430 -10.27 -11.21 38.33
C GLU B 430 -9.48 -10.11 37.65
N PRO B 431 -10.04 -8.89 37.58
CA PRO B 431 -9.20 -7.79 37.11
C PRO B 431 -8.03 -7.65 38.08
N CYS B 432 -6.84 -7.42 37.54
CA CYS B 432 -5.65 -7.38 38.37
C CYS B 432 -4.88 -6.09 38.17
N ILE B 433 -4.59 -5.39 39.26
CA ILE B 433 -3.77 -4.19 39.20
C ILE B 433 -2.43 -4.48 39.85
N ILE B 434 -1.36 -4.21 39.11
CA ILE B 434 -0.01 -4.51 39.58
C ILE B 434 0.84 -3.25 39.55
N GLU B 435 1.65 -3.05 40.58
CA GLU B 435 2.61 -1.94 40.54
C GLU B 435 4.01 -2.45 40.24
N SER B 436 4.69 -1.81 39.29
CA SER B 436 6.08 -2.15 39.01
C SER B 436 6.98 -1.02 39.49
N LYS B 437 8.08 -1.37 40.13
CA LYS B 437 9.09 -0.38 40.50
C LYS B 437 10.10 -0.21 39.37
N ASP B 438 9.99 -1.05 38.35
CA ASP B 438 10.91 -1.07 37.22
C ASP B 438 10.18 -0.74 35.93
N PRO B 439 10.50 0.41 35.31
CA PRO B 439 9.74 0.79 34.13
C PRO B 439 10.06 -0.09 32.93
N GLN B 440 11.14 -0.86 33.03
CA GLN B 440 11.57 -1.75 31.95
C GLN B 440 11.25 -3.21 32.25
N GLU B 441 10.44 -3.48 33.27
CA GLU B 441 10.08 -4.84 33.63
C GLU B 441 9.42 -5.50 32.43
N PRO B 442 9.66 -6.80 32.22
CA PRO B 442 9.03 -7.51 31.09
C PRO B 442 7.52 -7.30 31.00
N ILE B 443 6.85 -7.17 32.14
CA ILE B 443 5.39 -7.02 32.14
C ILE B 443 4.97 -5.66 31.58
N MET B 444 5.91 -4.73 31.52
CA MET B 444 5.66 -3.41 30.95
C MET B 444 5.86 -3.43 29.43
N LYS B 445 6.40 -4.53 28.92
CA LYS B 445 6.75 -4.64 27.51
C LYS B 445 5.89 -5.63 26.73
N GLU B 446 5.54 -6.75 27.36
CA GLU B 446 4.88 -7.85 26.63
C GLU B 446 3.36 -7.84 26.69
N GLU B 447 2.73 -8.05 25.54
CA GLU B 447 1.27 -8.05 25.47
C GLU B 447 0.71 -9.30 26.14
N ILE B 448 -0.16 -9.10 27.13
CA ILE B 448 -0.77 -10.21 27.86
C ILE B 448 -2.15 -10.60 27.31
N PHE B 449 -2.90 -9.62 26.80
CA PHE B 449 -4.26 -9.88 26.34
C PHE B 449 -5.13 -10.50 27.46
N GLY B 450 -5.05 -9.89 28.64
CA GLY B 450 -5.86 -10.29 29.77
C GLY B 450 -6.12 -9.08 30.66
N PRO B 451 -6.89 -9.24 31.73
CA PRO B 451 -7.28 -8.09 32.54
C PRO B 451 -6.19 -7.73 33.55
N VAL B 452 -5.04 -7.31 33.04
CA VAL B 452 -3.86 -7.12 33.88
C VAL B 452 -3.24 -5.76 33.59
N LEU B 453 -3.41 -4.83 34.53
CA LEU B 453 -2.90 -3.46 34.37
C LEU B 453 -1.64 -3.31 35.19
N THR B 454 -0.59 -2.76 34.60
CA THR B 454 0.62 -2.47 35.38
C THR B 454 0.82 -0.97 35.52
N VAL B 455 1.13 -0.54 36.73
CA VAL B 455 1.27 0.87 37.03
C VAL B 455 2.72 1.19 37.36
N TYR B 456 3.24 2.25 36.79
CA TYR B 456 4.55 2.77 37.15
C TYR B 456 4.41 4.20 37.62
N VAL B 457 4.89 4.49 38.83
CA VAL B 457 4.82 5.82 39.39
C VAL B 457 6.14 6.58 39.17
N TYR B 458 6.06 7.77 38.59
CA TYR B 458 7.25 8.53 38.24
C TYR B 458 7.26 9.86 39.00
N PRO B 459 8.45 10.41 39.27
CA PRO B 459 8.51 11.70 39.96
C PRO B 459 8.01 12.82 39.03
N ASP B 460 7.14 13.67 39.54
CA ASP B 460 6.56 14.75 38.75
C ASP B 460 7.56 15.50 37.85
N ASP B 461 8.70 15.92 38.42
CA ASP B 461 9.64 16.72 37.66
C ASP B 461 10.41 15.96 36.59
N LYS B 462 10.19 14.65 36.51
CA LYS B 462 10.80 13.83 35.47
C LYS B 462 9.79 13.43 34.40
N TYR B 463 8.74 14.23 34.23
CA TYR B 463 7.69 13.85 33.29
C TYR B 463 8.21 13.75 31.86
N ARG B 464 9.15 14.61 31.48
CA ARG B 464 9.71 14.58 30.13
C ARG B 464 10.50 13.31 29.89
N GLU B 465 11.39 12.98 30.83
CA GLU B 465 12.19 11.76 30.72
C GLU B 465 11.25 10.56 30.68
N THR B 466 10.17 10.63 31.43
CA THR B 466 9.25 9.51 31.50
C THR B 466 8.47 9.38 30.20
N LEU B 467 8.17 10.50 29.55
CA LEU B 467 7.53 10.46 28.22
C LEU B 467 8.43 9.74 27.22
N LYS B 468 9.73 9.96 27.32
CA LYS B 468 10.64 9.22 26.45
C LYS B 468 10.58 7.72 26.72
N LEU B 469 10.49 7.33 27.99
CA LEU B 469 10.33 5.92 28.35
C LEU B 469 9.04 5.31 27.80
N VAL B 470 7.96 6.08 27.86
CA VAL B 470 6.70 5.61 27.29
C VAL B 470 6.91 5.23 25.83
N ASP B 471 7.66 6.08 25.12
CA ASP B 471 7.91 5.93 23.70
C ASP B 471 8.84 4.76 23.40
N SER B 472 9.83 4.54 24.27
CA SER B 472 10.93 3.63 23.95
C SER B 472 10.82 2.23 24.58
N THR B 473 9.95 2.07 25.57
CA THR B 473 9.93 0.84 26.36
C THR B 473 9.46 -0.40 25.60
N THR B 474 8.47 -0.25 24.73
CA THR B 474 7.90 -1.40 24.01
C THR B 474 8.19 -1.38 22.51
N SER B 475 7.85 -2.47 21.84
CA SER B 475 8.07 -2.61 20.40
CA SER B 475 8.08 -2.58 20.41
C SER B 475 6.85 -2.14 19.63
N TYR B 476 5.81 -1.73 20.35
CA TYR B 476 4.52 -1.46 19.73
C TYR B 476 4.19 0.02 19.54
N GLY B 477 3.22 0.28 18.66
CA GLY B 477 2.84 1.65 18.36
C GLY B 477 1.36 1.85 18.11
N LEU B 478 0.51 1.15 18.88
CA LEU B 478 -0.91 1.11 18.53
C LEU B 478 -1.73 2.23 19.17
N THR B 479 -2.06 2.12 20.45
CA THR B 479 -2.84 3.19 21.08
C THR B 479 -2.22 3.77 22.33
N GLY B 480 -2.69 4.94 22.72
CA GLY B 480 -2.22 5.55 23.95
C GLY B 480 -3.03 6.80 24.27
N ALA B 481 -3.05 7.17 25.54
CA ALA B 481 -3.78 8.35 25.97
C ALA B 481 -2.91 9.20 26.88
N VAL B 482 -3.05 10.52 26.77
CA VAL B 482 -2.49 11.43 27.76
C VAL B 482 -3.64 12.12 28.51
N PHE B 483 -3.57 12.08 29.84
CA PHE B 483 -4.53 12.78 30.69
C PHE B 483 -3.85 14.02 31.28
N ALA B 484 -4.32 15.19 30.86
CA ALA B 484 -3.73 16.45 31.29
C ALA B 484 -4.68 17.61 30.97
N GLN B 485 -4.73 18.60 31.85
CA GLN B 485 -5.53 19.80 31.57
C GLN B 485 -4.67 21.00 31.19
N ASP B 486 -3.35 20.83 31.25
CA ASP B 486 -2.41 21.89 30.85
C ASP B 486 -2.16 21.82 29.35
N LYS B 487 -2.52 22.90 28.64
CA LYS B 487 -2.43 22.92 27.18
C LYS B 487 -1.00 22.71 26.68
N ALA B 488 -0.05 23.36 27.32
CA ALA B 488 1.35 23.26 26.91
C ALA B 488 1.83 21.82 27.02
N ILE B 489 1.46 21.17 28.12
CA ILE B 489 1.82 19.79 28.36
C ILE B 489 1.22 18.87 27.31
N VAL B 490 -0.05 19.10 26.96
CA VAL B 490 -0.71 18.31 25.94
C VAL B 490 0.01 18.46 24.60
N GLN B 491 0.37 19.70 24.25
CA GLN B 491 1.08 19.92 23.00
C GLN B 491 2.45 19.23 22.99
N GLU B 492 3.15 19.32 24.11
CA GLU B 492 4.47 18.71 24.24
C GLU B 492 4.38 17.20 24.11
N ALA B 493 3.49 16.60 24.88
CA ALA B 493 3.32 15.16 24.88
C ALA B 493 2.85 14.66 23.51
N THR B 494 1.93 15.40 22.90
CA THR B 494 1.47 15.05 21.56
C THR B 494 2.64 14.97 20.57
N ARG B 495 3.58 15.92 20.66
CA ARG B 495 4.76 15.89 19.81
C ARG B 495 5.66 14.70 20.15
N MET B 496 5.93 14.49 21.44
CA MET B 496 6.88 13.44 21.85
C MET B 496 6.38 12.04 21.55
N LEU B 497 5.07 11.86 21.54
CA LEU B 497 4.49 10.53 21.46
C LEU B 497 3.93 10.25 20.07
N ARG B 498 4.32 11.08 19.11
CA ARG B 498 3.82 11.01 17.75
C ARG B 498 3.87 9.62 17.12
N ASN B 499 4.96 8.89 17.34
CA ASN B 499 5.07 7.53 16.80
C ASN B 499 4.86 6.40 17.82
N ALA B 500 4.47 6.76 19.04
CA ALA B 500 4.18 5.75 20.05
C ALA B 500 2.75 5.21 19.95
N ALA B 501 1.90 5.92 19.20
CA ALA B 501 0.49 5.54 19.10
C ALA B 501 -0.12 5.99 17.77
N GLY B 502 -0.69 5.05 17.02
CA GLY B 502 -1.37 5.39 15.78
C GLY B 502 -2.76 5.92 16.06
N ASN B 503 -3.29 5.56 17.23
CA ASN B 503 -4.52 6.15 17.72
C ASN B 503 -4.22 6.75 19.08
N PHE B 504 -4.23 8.08 19.13
CA PHE B 504 -3.76 8.81 20.30
C PHE B 504 -4.94 9.55 20.89
N TYR B 505 -5.05 9.52 22.21
CA TYR B 505 -6.22 10.05 22.89
C TYR B 505 -5.82 11.11 23.91
N ILE B 506 -6.51 12.25 23.86
CA ILE B 506 -6.32 13.30 24.85
C ILE B 506 -7.53 13.35 25.77
N ASN B 507 -7.32 13.00 27.04
CA ASN B 507 -8.38 12.99 28.04
C ASN B 507 -9.54 12.07 27.67
N ASP B 508 -9.20 10.93 27.07
CA ASP B 508 -10.16 9.86 26.87
C ASP B 508 -9.42 8.53 26.90
N LYS B 509 -10.16 7.44 27.03
CA LYS B 509 -9.54 6.11 27.10
C LYS B 509 -8.98 5.62 25.76
N SER B 510 -8.05 4.68 25.82
CA SER B 510 -7.31 4.26 24.63
C SER B 510 -8.04 3.24 23.76
N THR B 511 -9.22 2.83 24.18
CA THR B 511 -10.02 1.86 23.41
C THR B 511 -11.24 2.51 22.81
N GLY B 512 -11.92 1.79 21.93
CA GLY B 512 -13.23 2.19 21.45
C GLY B 512 -13.23 3.12 20.24
N SER B 513 -12.27 2.95 19.35
CA SER B 513 -12.32 3.67 18.08
C SER B 513 -13.63 3.41 17.34
N VAL B 514 -14.15 4.47 16.74
CA VAL B 514 -15.42 4.40 16.02
C VAL B 514 -15.16 4.68 14.53
N VAL B 515 -15.72 3.82 13.68
CA VAL B 515 -15.55 3.93 12.25
C VAL B 515 -15.92 5.34 11.74
N GLY B 516 -15.05 5.90 10.91
CA GLY B 516 -15.29 7.22 10.35
C GLY B 516 -14.91 8.37 11.27
N GLN B 517 -14.63 8.05 12.54
CA GLN B 517 -14.26 9.07 13.53
C GLN B 517 -12.82 8.88 14.01
N GLN B 518 -12.47 7.65 14.39
CA GLN B 518 -11.08 7.32 14.69
C GLN B 518 -10.65 6.11 13.86
N PRO B 519 -10.30 6.34 12.59
CA PRO B 519 -9.72 5.24 11.80
C PRO B 519 -8.61 4.58 12.60
N PHE B 520 -8.56 3.26 12.59
CA PHE B 520 -7.80 2.52 13.59
C PHE B 520 -6.55 1.83 13.04
N GLY B 521 -5.46 1.94 13.78
CA GLY B 521 -4.26 1.20 13.41
C GLY B 521 -3.01 1.94 13.85
N GLY B 522 -1.90 1.22 13.88
CA GLY B 522 -0.64 1.82 14.28
C GLY B 522 0.52 1.09 13.66
N ALA B 523 1.69 1.68 13.80
CA ALA B 523 2.90 1.13 13.17
C ALA B 523 3.83 0.49 14.20
N ARG B 524 5.14 0.69 14.04
CA ARG B 524 6.10 -0.12 14.79
C ARG B 524 5.72 -1.58 14.63
N ALA B 525 5.70 -2.35 15.71
CA ALA B 525 5.39 -3.77 15.56
C ALA B 525 3.90 -4.05 15.44
N SER B 526 3.08 -3.01 15.54
CA SER B 526 1.63 -3.16 15.56
C SER B 526 1.00 -3.40 14.20
N GLY B 527 1.79 -3.38 13.13
CA GLY B 527 1.26 -3.75 11.82
C GLY B 527 1.58 -2.76 10.71
N THR B 528 0.87 -2.90 9.59
CA THR B 528 1.12 -2.10 8.39
C THR B 528 0.36 -0.77 8.39
N ASN B 529 -0.53 -0.61 9.37
CA ASN B 529 -1.29 0.63 9.56
C ASN B 529 -2.05 1.12 8.34
N ASP B 530 -2.94 0.29 7.82
CA ASP B 530 -3.75 0.66 6.67
C ASP B 530 -5.05 1.37 7.03
N LYS B 531 -5.26 1.60 8.33
CA LYS B 531 -6.36 2.41 8.82
C LYS B 531 -7.77 1.98 8.39
N PRO B 532 -8.13 0.71 8.65
CA PRO B 532 -9.54 0.37 8.47
C PRO B 532 -10.37 1.32 9.33
N GLY B 533 -11.53 1.75 8.83
CA GLY B 533 -12.34 2.74 9.51
C GLY B 533 -12.20 4.12 8.89
N GLY B 534 -11.22 4.28 8.01
CA GLY B 534 -11.02 5.54 7.32
C GLY B 534 -11.19 5.37 5.82
N PRO B 535 -11.08 6.47 5.07
CA PRO B 535 -11.39 6.49 3.63
C PRO B 535 -10.34 5.86 2.72
N HIS B 536 -9.16 5.53 3.24
CA HIS B 536 -8.07 5.06 2.38
C HIS B 536 -7.86 3.55 2.41
N TYR B 537 -8.43 2.89 3.42
CA TYR B 537 -8.25 1.45 3.59
C TYR B 537 -8.56 0.66 2.33
N ILE B 538 -9.68 0.99 1.69
CA ILE B 538 -10.11 0.27 0.49
C ILE B 538 -9.10 0.33 -0.66
N LEU B 539 -8.24 1.35 -0.67
CA LEU B 539 -7.25 1.48 -1.73
C LEU B 539 -6.26 0.32 -1.76
N ARG B 540 -6.07 -0.36 -0.63
CA ARG B 540 -5.17 -1.52 -0.62
C ARG B 540 -5.74 -2.68 -1.45
N TRP B 541 -7.04 -2.67 -1.71
CA TRP B 541 -7.70 -3.81 -2.36
C TRP B 541 -8.14 -3.54 -3.79
N THR B 542 -7.67 -2.43 -4.36
CA THR B 542 -7.85 -2.15 -5.78
C THR B 542 -6.49 -1.89 -6.45
N SER B 543 -6.37 -2.29 -7.70
CA SER B 543 -5.18 -2.06 -8.49
C SER B 543 -5.64 -1.29 -9.71
N PRO B 544 -5.52 0.05 -9.68
CA PRO B 544 -6.20 0.83 -10.73
C PRO B 544 -5.59 0.68 -12.12
N GLN B 545 -6.44 0.81 -13.13
CA GLN B 545 -6.02 0.87 -14.51
C GLN B 545 -6.45 2.21 -15.03
N VAL B 546 -5.63 2.86 -15.84
CA VAL B 546 -6.03 4.11 -16.46
CA VAL B 546 -6.05 4.11 -16.46
C VAL B 546 -6.15 3.89 -17.96
N ILE B 547 -7.28 4.31 -18.51
CA ILE B 547 -7.54 4.18 -19.94
C ILE B 547 -7.52 5.56 -20.58
N LYS B 548 -6.70 5.75 -21.60
CA LYS B 548 -6.68 6.99 -22.38
C LYS B 548 -7.24 6.68 -23.77
N GLU B 549 -8.30 7.38 -24.14
CA GLU B 549 -8.84 7.25 -25.50
C GLU B 549 -8.57 8.54 -26.26
N THR B 550 -7.90 8.41 -27.40
CA THR B 550 -7.59 9.57 -28.23
C THR B 550 -8.55 9.62 -29.42
N HIS B 551 -9.09 10.80 -29.66
CA HIS B 551 -10.23 10.97 -30.57
C HIS B 551 -9.89 11.56 -31.94
N LYS B 552 -8.60 11.78 -32.19
CA LYS B 552 -8.14 12.30 -33.47
C LYS B 552 -6.97 11.46 -33.95
N PRO B 553 -6.74 11.43 -35.26
CA PRO B 553 -5.58 10.72 -35.83
C PRO B 553 -4.28 11.29 -35.29
N LEU B 554 -3.23 10.48 -35.22
CA LEU B 554 -1.97 10.87 -34.58
C LEU B 554 -0.99 11.78 -35.36
N GLY B 555 -1.02 11.75 -36.68
CA GLY B 555 -0.07 12.57 -37.44
C GLY B 555 1.31 11.93 -37.51
N ASP B 556 2.31 12.69 -37.92
CA ASP B 556 3.62 12.11 -38.23
C ASP B 556 4.39 11.68 -36.99
N TRP B 557 5.39 10.81 -37.17
CA TRP B 557 6.25 10.40 -36.08
C TRP B 557 7.32 11.45 -35.76
N ARG B 558 7.65 12.28 -36.74
CA ARG B 558 8.62 13.36 -36.53
C ARG B 558 8.01 14.50 -35.70
N TYR B 559 8.88 15.36 -35.17
CA TYR B 559 8.47 16.55 -34.42
C TYR B 559 8.95 17.77 -35.20
N SER B 560 8.25 18.88 -35.05
CA SER B 560 8.55 20.10 -35.80
C SER B 560 9.98 20.61 -35.56
N TYR B 561 10.47 20.46 -34.33
CA TYR B 561 11.81 20.98 -34.01
C TYR B 561 12.91 20.25 -34.79
N MET B 562 12.59 19.07 -35.34
CA MET B 562 13.56 18.27 -36.08
C MET B 562 13.79 18.76 -37.51
N GLN B 563 12.95 19.67 -37.98
CA GLN B 563 12.98 20.12 -39.36
C GLN B 563 14.21 20.95 -39.67
#